data_5MVO
#
_entry.id   5MVO
#
_cell.length_a   116.850
_cell.length_b   116.850
_cell.length_c   191.130
_cell.angle_alpha   90.00
_cell.angle_beta   90.00
_cell.angle_gamma   90.00
#
_symmetry.space_group_name_H-M   'P 43 21 2'
#
loop_
_entity.id
_entity.type
_entity.pdbx_description
1 polymer FoxE
2 non-polymer 'HEME C'
3 non-polymer 'PHOSPHATE ION'
4 non-polymer 'COPPER (II) ION'
5 water water
#
_entity_poly.entity_id   1
_entity_poly.type   'polypeptide(L)'
_entity_poly.pdbx_seq_one_letter_code
;MTLWEDEMLDRMKGGFAATALLCLGLANPLAADTRTLSQQYLDDVRSGAIVIEGDSAAVSELILKRDIPIPYSYIAQLFA
TPNAFGSGPACIICHGSNNPTHAYRGLNLSTCDGLRNGSTEQPARAIFTPGEDPKNAIIGRRLRANRMPLGIAFNNPTDS
APILAIKEWILAGAPNDEHFTKEILPLFATDNTFGPDTPHCTTCHFSNQEPPSFHELNLTTYEGIMLGADSVAKGVDNAT
KVIIPGDPEASKVFQHLTEDRMPPGIDPSEDRDHPNTQILFAWIKQGAKCE
;
_entity_poly.pdbx_strand_id   A,B,C
#
loop_
_chem_comp.id
_chem_comp.type
_chem_comp.name
_chem_comp.formula
CU non-polymer 'COPPER (II) ION' 'Cu 2'
HEC non-polymer 'HEME C' 'C34 H34 Fe N4 O4'
PO4 non-polymer 'PHOSPHATE ION' 'O4 P -3'
#
# COMPACT_ATOMS: atom_id res chain seq x y z
N ASP A 33 27.35 21.57 -13.20
CA ASP A 33 28.15 20.85 -14.19
C ASP A 33 28.97 19.71 -13.59
N THR A 34 29.56 19.95 -12.42
CA THR A 34 30.34 18.97 -11.69
C THR A 34 29.92 19.10 -10.24
N ARG A 35 28.77 19.75 -10.06
CA ARG A 35 28.11 19.90 -8.76
C ARG A 35 27.33 18.63 -8.34
N THR A 36 27.37 18.29 -7.06
CA THR A 36 26.71 17.08 -6.55
C THR A 36 25.19 17.27 -6.56
N LEU A 37 24.45 16.20 -6.35
CA LEU A 37 23.02 16.34 -6.29
C LEU A 37 22.64 17.38 -5.23
N SER A 38 23.21 17.26 -4.03
CA SER A 38 22.95 18.25 -2.97
C SER A 38 23.25 19.70 -3.39
N GLN A 39 24.36 19.89 -4.10
CA GLN A 39 24.75 21.21 -4.53
C GLN A 39 23.79 21.79 -5.58
N GLN A 40 23.30 20.98 -6.51
CA GLN A 40 22.36 21.46 -7.52
C GLN A 40 21.06 21.88 -6.83
N TYR A 41 20.69 21.14 -5.80
CA TYR A 41 19.48 21.42 -5.09
C TYR A 41 19.53 22.80 -4.43
N LEU A 42 20.57 23.07 -3.64
CA LEU A 42 20.72 24.34 -2.95
C LEU A 42 20.74 25.53 -3.91
N ASP A 43 21.34 25.34 -5.08
CA ASP A 43 21.38 26.36 -6.11
C ASP A 43 19.97 26.57 -6.67
N ASP A 44 19.20 25.49 -6.79
CA ASP A 44 17.86 25.56 -7.36
C ASP A 44 16.79 26.15 -6.42
N VAL A 45 16.95 25.99 -5.10
CA VAL A 45 16.01 26.63 -4.19
C VAL A 45 16.30 28.11 -4.20
N ARG A 46 17.57 28.43 -4.32
CA ARG A 46 18.03 29.79 -4.37
C ARG A 46 17.56 30.46 -5.65
N SER A 47 17.70 29.76 -6.79
CA SER A 47 17.36 30.34 -8.10
C SER A 47 15.86 30.40 -8.34
N GLY A 48 15.10 29.62 -7.59
CA GLY A 48 13.66 29.55 -7.76
C GLY A 48 13.34 28.62 -8.91
N ALA A 49 14.31 27.82 -9.31
CA ALA A 49 14.19 26.99 -10.49
C ALA A 49 13.27 25.83 -10.25
N ILE A 50 12.96 25.61 -8.98
CA ILE A 50 12.08 24.51 -8.60
C ILE A 50 10.65 24.97 -8.47
N VAL A 51 9.76 24.36 -9.26
CA VAL A 51 8.36 24.75 -9.31
C VAL A 51 7.42 23.70 -8.74
N ILE A 52 6.49 24.13 -7.92
CA ILE A 52 5.63 23.20 -7.24
C ILE A 52 4.19 23.32 -7.63
N GLU A 53 3.67 22.26 -8.26
CA GLU A 53 2.29 22.27 -8.68
C GLU A 53 1.63 20.92 -8.44
N GLY A 54 0.95 20.81 -7.30
CA GLY A 54 0.17 19.64 -6.93
C GLY A 54 0.93 18.34 -6.77
N ASP A 55 1.97 18.39 -5.96
CA ASP A 55 2.92 17.29 -5.74
C ASP A 55 2.36 15.86 -5.73
N SER A 56 2.91 14.89 -6.49
CA SER A 56 3.75 14.92 -7.74
C SER A 56 5.15 15.58 -7.82
N ALA A 57 5.31 16.76 -7.24
CA ALA A 57 6.44 17.65 -7.50
C ALA A 57 7.84 17.10 -7.23
N ALA A 58 8.00 16.42 -6.10
CA ALA A 58 9.29 15.83 -5.76
C ALA A 58 9.89 15.01 -6.91
N VAL A 59 9.06 14.22 -7.59
CA VAL A 59 9.61 13.33 -8.61
C VAL A 59 9.91 14.09 -9.92
N SER A 60 9.06 15.04 -10.31
CA SER A 60 9.31 15.76 -11.57
C SER A 60 10.51 16.72 -11.46
N GLU A 61 10.64 17.41 -10.32
CA GLU A 61 11.65 18.46 -10.14
C GLU A 61 12.97 17.99 -9.53
N LEU A 62 12.96 16.93 -8.73
CA LEU A 62 14.19 16.43 -8.13
C LEU A 62 14.73 15.11 -8.70
N ILE A 63 13.88 14.26 -9.26
CA ILE A 63 14.33 12.94 -9.69
C ILE A 63 14.50 12.87 -11.20
N LEU A 64 13.44 13.31 -11.90
CA LEU A 64 13.43 13.34 -13.37
C LEU A 64 14.23 14.49 -13.97
N LYS A 65 14.03 15.69 -13.41
CA LYS A 65 14.73 16.91 -13.84
C LYS A 65 16.26 16.78 -13.67
N ARG A 66 16.69 16.19 -12.55
CA ARG A 66 18.12 16.04 -12.28
C ARG A 66 18.65 14.71 -12.80
N ASP A 67 17.79 13.95 -13.49
CA ASP A 67 18.13 12.65 -14.12
C ASP A 67 18.84 11.71 -13.16
N ILE A 68 18.24 11.50 -11.99
CA ILE A 68 18.76 10.51 -11.05
C ILE A 68 18.59 9.14 -11.68
N PRO A 69 19.65 8.34 -11.63
CA PRO A 69 19.70 6.99 -12.17
C PRO A 69 18.79 6.02 -11.41
N ILE A 70 17.95 5.35 -12.16
CA ILE A 70 16.97 4.44 -11.59
C ILE A 70 17.47 3.01 -11.65
N PRO A 71 17.58 2.34 -10.50
CA PRO A 71 18.09 0.98 -10.41
C PRO A 71 17.09 -0.07 -10.89
N TYR A 72 17.56 -1.14 -11.52
CA TYR A 72 16.64 -2.17 -11.98
C TYR A 72 15.95 -2.80 -10.78
N SER A 73 16.64 -2.82 -9.64
CA SER A 73 16.10 -3.47 -8.45
C SER A 73 14.73 -2.90 -8.13
N TYR A 74 14.58 -1.58 -8.27
CA TYR A 74 13.32 -0.88 -8.04
C TYR A 74 12.29 -1.24 -9.10
N ILE A 75 12.74 -1.26 -10.36
CA ILE A 75 11.86 -1.58 -11.47
C ILE A 75 11.24 -2.96 -11.33
N ALA A 76 12.04 -3.94 -10.92
CA ALA A 76 11.53 -5.29 -10.69
C ALA A 76 10.41 -5.32 -9.65
N GLN A 77 10.61 -4.56 -8.58
CA GLN A 77 9.67 -4.50 -7.47
C GLN A 77 8.35 -3.92 -7.97
N LEU A 78 8.44 -3.03 -8.96
CA LEU A 78 7.28 -2.44 -9.60
C LEU A 78 6.38 -3.46 -10.34
N PHE A 79 6.99 -4.37 -11.10
CA PHE A 79 6.18 -5.34 -11.83
C PHE A 79 5.71 -6.49 -10.94
N ALA A 80 6.29 -6.59 -9.76
CA ALA A 80 6.03 -7.69 -8.85
C ALA A 80 5.05 -7.34 -7.74
N THR A 81 4.72 -6.06 -7.66
CA THR A 81 3.89 -5.53 -6.60
C THR A 81 2.49 -5.16 -7.09
N PRO A 82 1.47 -5.58 -6.34
CA PRO A 82 0.10 -5.22 -6.70
C PRO A 82 -0.12 -3.71 -6.60
N ASN A 83 -0.84 -3.13 -7.57
CA ASN A 83 -1.25 -1.72 -7.57
C ASN A 83 -0.14 -0.70 -7.80
N ALA A 84 0.96 -1.18 -8.38
CA ALA A 84 2.13 -0.34 -8.57
C ALA A 84 1.87 0.84 -9.49
N PHE A 85 1.00 0.67 -10.47
CA PHE A 85 0.67 1.74 -11.43
C PHE A 85 -0.81 2.20 -11.34
N GLY A 86 -1.55 1.62 -10.40
CA GLY A 86 -2.99 1.81 -10.32
C GLY A 86 -3.63 0.50 -9.87
N SER A 87 -4.91 0.54 -9.50
CA SER A 87 -5.56 -0.64 -8.90
C SER A 87 -5.55 -1.89 -9.77
N GLY A 88 -5.06 -2.99 -9.20
CA GLY A 88 -5.08 -4.28 -9.87
C GLY A 88 -3.93 -5.19 -9.50
N PRO A 89 -4.03 -6.47 -9.86
CA PRO A 89 -3.05 -7.48 -9.49
C PRO A 89 -1.68 -7.16 -10.07
N ALA A 90 -0.63 -7.75 -9.48
CA ALA A 90 0.75 -7.50 -9.90
C ALA A 90 0.99 -8.04 -11.32
N CYS A 91 1.77 -7.31 -12.12
CA CYS A 91 2.04 -7.69 -13.51
C CYS A 91 2.67 -9.08 -13.68
N ILE A 92 3.60 -9.46 -12.80
CA ILE A 92 4.32 -10.71 -13.05
C ILE A 92 3.45 -11.96 -12.86
N ILE A 93 2.25 -11.81 -12.30
CA ILE A 93 1.32 -12.93 -12.22
C ILE A 93 0.85 -13.42 -13.60
N CYS A 94 0.38 -12.49 -14.41
CA CYS A 94 -0.12 -12.82 -15.74
C CYS A 94 1.00 -12.79 -16.78
N HIS A 95 2.07 -12.09 -16.46
CA HIS A 95 3.15 -11.95 -17.40
C HIS A 95 4.44 -12.38 -16.74
N GLY A 96 4.53 -13.63 -16.32
CA GLY A 96 5.68 -14.00 -15.52
C GLY A 96 6.61 -14.95 -16.22
N SER A 97 6.49 -15.04 -17.52
CA SER A 97 7.18 -16.08 -18.25
C SER A 97 7.19 -15.83 -19.76
N ASN A 98 8.14 -16.46 -20.47
CA ASN A 98 8.21 -16.44 -21.95
C ASN A 98 7.49 -17.63 -22.61
N ASN A 99 6.82 -18.43 -21.78
CA ASN A 99 5.98 -19.54 -22.21
C ASN A 99 4.53 -19.09 -22.31
N PRO A 100 4.00 -19.01 -23.54
CA PRO A 100 2.65 -18.43 -23.75
C PRO A 100 1.51 -19.19 -23.10
N THR A 101 1.75 -20.36 -22.51
CA THR A 101 0.69 -21.02 -21.74
C THR A 101 0.78 -20.74 -20.22
N HIS A 102 1.87 -20.16 -19.77
CA HIS A 102 2.03 -19.81 -18.34
C HIS A 102 1.99 -18.29 -18.13
N ALA A 103 2.08 -17.54 -19.22
CA ALA A 103 2.07 -16.08 -19.18
C ALA A 103 1.45 -15.51 -20.47
N TYR A 104 0.55 -14.55 -20.34
CA TYR A 104 -0.11 -13.95 -21.51
C TYR A 104 0.86 -13.37 -22.54
N ARG A 105 0.62 -13.70 -23.81
CA ARG A 105 1.43 -13.22 -24.92
C ARG A 105 2.88 -13.68 -24.83
N GLY A 106 3.14 -14.63 -23.94
CA GLY A 106 4.50 -15.05 -23.72
C GLY A 106 5.35 -13.85 -23.36
N LEU A 107 4.80 -12.95 -22.55
CA LEU A 107 5.55 -11.78 -22.11
C LEU A 107 6.07 -11.95 -20.69
N ASN A 108 7.39 -11.94 -20.50
CA ASN A 108 7.96 -12.05 -19.15
C ASN A 108 8.41 -10.71 -18.56
N LEU A 109 7.58 -10.10 -17.74
CA LEU A 109 7.95 -8.84 -17.15
C LEU A 109 8.76 -9.03 -15.86
N SER A 110 9.12 -10.27 -15.51
CA SER A 110 9.68 -10.53 -14.18
C SER A 110 11.21 -10.49 -14.13
N THR A 111 11.85 -10.42 -15.28
CA THR A 111 13.31 -10.32 -15.34
C THR A 111 13.67 -9.17 -16.28
N CYS A 112 14.89 -8.65 -16.17
CA CYS A 112 15.31 -7.55 -17.04
C CYS A 112 15.36 -7.96 -18.51
N ASP A 113 15.98 -9.10 -18.80
CA ASP A 113 16.03 -9.58 -20.19
C ASP A 113 14.62 -9.88 -20.66
N GLY A 114 13.77 -10.33 -19.73
CA GLY A 114 12.41 -10.62 -20.10
C GLY A 114 11.73 -9.35 -20.61
N LEU A 115 11.98 -8.23 -19.92
CA LEU A 115 11.42 -6.93 -20.29
C LEU A 115 11.85 -6.44 -21.65
N ARG A 116 13.15 -6.54 -21.89
CA ARG A 116 13.70 -5.99 -23.11
C ARG A 116 13.15 -6.76 -24.29
N ASN A 117 13.05 -8.08 -24.09
CA ASN A 117 12.58 -9.03 -25.09
C ASN A 117 11.14 -8.78 -25.46
N GLY A 118 10.28 -8.53 -24.47
CA GLY A 118 8.89 -8.29 -24.76
C GLY A 118 8.10 -9.57 -24.95
N SER A 119 7.09 -9.46 -25.81
CA SER A 119 6.21 -10.57 -26.13
C SER A 119 6.91 -11.63 -26.99
N THR A 120 6.76 -12.90 -26.59
CA THR A 120 7.43 -14.01 -27.25
C THR A 120 6.46 -14.64 -28.23
N GLU A 121 5.22 -14.74 -27.80
CA GLU A 121 4.16 -15.32 -28.60
C GLU A 121 3.92 -14.52 -29.89
N GLN A 122 3.75 -15.24 -31.00
CA GLN A 122 3.47 -14.61 -32.28
C GLN A 122 2.12 -13.87 -32.23
N PRO A 123 2.09 -12.60 -32.69
CA PRO A 123 3.23 -11.88 -33.27
C PRO A 123 4.22 -11.33 -32.24
N ALA A 124 5.45 -11.83 -32.27
CA ALA A 124 6.42 -11.46 -31.26
C ALA A 124 6.91 -10.05 -31.52
N ARG A 125 7.04 -9.27 -30.45
CA ARG A 125 7.42 -7.86 -30.57
C ARG A 125 7.91 -7.32 -29.24
N ALA A 126 8.89 -6.43 -29.30
CA ALA A 126 9.38 -5.73 -28.11
C ALA A 126 8.35 -4.72 -27.58
N ILE A 127 8.32 -4.52 -26.27
CA ILE A 127 7.32 -3.62 -25.71
C ILE A 127 7.90 -2.25 -25.42
N PHE A 128 9.22 -2.14 -25.57
CA PHE A 128 9.87 -0.82 -25.57
C PHE A 128 11.23 -0.90 -26.23
N THR A 129 11.77 0.27 -26.56
CA THR A 129 13.11 0.35 -27.13
C THR A 129 14.01 1.13 -26.18
N PRO A 130 15.08 0.49 -25.70
CA PRO A 130 16.00 1.13 -24.75
C PRO A 130 16.61 2.43 -25.30
N GLY A 131 16.52 3.52 -24.54
CA GLY A 131 17.10 4.79 -24.96
C GLY A 131 16.13 5.72 -25.67
N GLU A 132 14.98 5.16 -26.07
CA GLU A 132 13.92 5.93 -26.73
C GLU A 132 12.74 6.12 -25.77
N ASP A 133 12.08 7.27 -25.87
CA ASP A 133 10.88 7.58 -25.07
C ASP A 133 9.77 6.56 -25.31
N PRO A 134 9.38 5.83 -24.24
CA PRO A 134 8.34 4.81 -24.34
C PRO A 134 6.87 5.29 -24.16
N LYS A 135 6.62 6.58 -23.96
CA LYS A 135 5.26 7.09 -23.71
C LYS A 135 4.16 6.58 -24.67
N ASN A 136 4.46 6.47 -25.98
CA ASN A 136 3.47 5.98 -26.94
C ASN A 136 3.89 4.65 -27.56
N ALA A 137 4.94 4.06 -27.00
CA ALA A 137 5.32 2.67 -27.27
C ALA A 137 4.34 1.75 -26.59
N ILE A 138 4.45 0.45 -26.86
CA ILE A 138 3.47 -0.50 -26.37
C ILE A 138 3.34 -0.48 -24.83
N ILE A 139 4.47 -0.47 -24.12
CA ILE A 139 4.44 -0.49 -22.64
C ILE A 139 3.79 0.78 -22.07
N GLY A 140 3.99 1.90 -22.75
CA GLY A 140 3.42 3.17 -22.34
C GLY A 140 1.92 3.24 -22.54
N ARG A 141 1.45 2.78 -23.70
CA ARG A 141 0.03 2.83 -24.03
C ARG A 141 -0.74 1.92 -23.07
N ARG A 142 -0.14 0.79 -22.72
CA ARG A 142 -0.79 -0.15 -21.81
C ARG A 142 -0.84 0.41 -20.38
N LEU A 143 0.09 1.29 -20.03
CA LEU A 143 0.05 1.90 -18.70
C LEU A 143 -0.85 3.13 -18.66
N ARG A 144 -0.92 3.87 -19.77
CA ARG A 144 -1.56 5.19 -19.77
C ARG A 144 -2.82 5.40 -20.63
N ALA A 145 -3.06 4.58 -21.65
CA ALA A 145 -4.18 4.87 -22.54
C ALA A 145 -5.41 4.08 -22.13
N ASN A 146 -6.42 4.78 -21.61
CA ASN A 146 -7.71 4.14 -21.32
C ASN A 146 -8.33 3.66 -22.61
N ARG A 147 -8.88 2.46 -22.59
CA ARG A 147 -9.58 1.95 -23.74
C ARG A 147 -10.79 2.83 -24.05
N MET A 148 -11.07 2.99 -25.35
CA MET A 148 -12.22 3.76 -25.79
C MET A 148 -13.31 2.84 -26.34
N PRO A 149 -14.58 3.22 -26.14
CA PRO A 149 -15.06 4.42 -25.46
C PRO A 149 -14.80 4.37 -23.96
N LEU A 150 -14.44 5.50 -23.37
CA LEU A 150 -14.08 5.58 -21.94
C LEU A 150 -15.00 4.75 -21.03
N GLY A 151 -14.40 3.90 -20.21
CA GLY A 151 -15.12 3.15 -19.21
C GLY A 151 -15.52 1.78 -19.68
N ILE A 152 -15.33 1.52 -20.96
CA ILE A 152 -15.69 0.26 -21.57
C ILE A 152 -14.99 -0.90 -20.85
N ALA A 153 -15.73 -1.98 -20.62
CA ALA A 153 -15.23 -3.15 -19.89
C ALA A 153 -14.28 -3.94 -20.76
N PHE A 154 -13.26 -4.56 -20.17
CA PHE A 154 -12.28 -5.27 -20.99
C PHE A 154 -12.78 -6.55 -21.64
N ASN A 155 -13.90 -7.09 -21.14
CA ASN A 155 -14.45 -8.33 -21.71
C ASN A 155 -15.29 -8.07 -22.95
N ASN A 156 -15.19 -6.86 -23.48
CA ASN A 156 -15.69 -6.55 -24.82
C ASN A 156 -14.57 -6.80 -25.82
N PRO A 157 -14.88 -7.52 -26.91
CA PRO A 157 -13.93 -7.92 -27.95
C PRO A 157 -13.29 -6.76 -28.70
N THR A 158 -12.06 -6.95 -29.15
CA THR A 158 -11.37 -5.90 -29.90
C THR A 158 -11.21 -6.21 -31.39
N ASP A 159 -11.89 -7.25 -31.88
CA ASP A 159 -11.92 -7.58 -33.32
C ASP A 159 -13.37 -7.74 -33.81
N SER A 160 -14.27 -7.00 -33.17
CA SER A 160 -15.70 -6.96 -33.50
C SER A 160 -15.97 -6.35 -34.87
N ALA A 161 -17.22 -6.42 -35.30
CA ALA A 161 -17.60 -5.93 -36.62
C ALA A 161 -17.19 -4.46 -36.90
N PRO A 162 -17.56 -3.51 -36.00
CA PRO A 162 -17.23 -2.11 -36.32
C PRO A 162 -15.74 -1.82 -36.43
N ILE A 163 -14.97 -2.38 -35.51
CA ILE A 163 -13.52 -2.17 -35.45
C ILE A 163 -12.84 -2.77 -36.69
N LEU A 164 -13.22 -4.00 -37.05
CA LEU A 164 -12.65 -4.67 -38.23
C LEU A 164 -12.98 -3.90 -39.49
N ALA A 165 -14.18 -3.33 -39.55
CA ALA A 165 -14.56 -2.45 -40.64
C ALA A 165 -13.52 -1.34 -40.77
N ILE A 166 -13.26 -0.69 -39.65
CA ILE A 166 -12.28 0.40 -39.59
C ILE A 166 -10.83 -0.02 -39.89
N LYS A 167 -10.42 -1.23 -39.49
CA LYS A 167 -9.04 -1.67 -39.73
C LYS A 167 -8.68 -1.60 -41.21
N GLU A 168 -9.57 -2.12 -42.05
CA GLU A 168 -9.32 -2.17 -43.49
C GLU A 168 -9.36 -0.78 -44.13
N TRP A 169 -10.20 0.11 -43.62
CA TRP A 169 -10.26 1.48 -44.15
C TRP A 169 -8.95 2.25 -44.00
N ILE A 170 -8.23 2.03 -42.89
CA ILE A 170 -6.94 2.69 -42.68
C ILE A 170 -5.91 2.05 -43.61
N LEU A 171 -6.03 0.74 -43.76
CA LEU A 171 -5.22 -0.03 -44.70
C LEU A 171 -5.43 0.51 -46.13
N ALA A 172 -6.66 0.92 -46.41
CA ALA A 172 -7.00 1.43 -47.73
C ALA A 172 -6.51 2.86 -47.95
N GLY A 173 -6.03 3.50 -46.90
CA GLY A 173 -5.55 4.86 -47.02
C GLY A 173 -6.57 5.83 -46.47
N PHE A 180 -16.62 5.64 -48.25
CA PHE A 180 -16.27 5.89 -46.86
C PHE A 180 -17.39 6.36 -45.96
N THR A 181 -18.04 7.44 -46.37
CA THR A 181 -18.92 8.22 -45.48
C THR A 181 -20.02 7.38 -44.85
N LYS A 182 -20.43 6.35 -45.58
CA LYS A 182 -21.55 5.53 -45.20
C LYS A 182 -21.17 4.43 -44.23
N GLU A 183 -19.95 3.91 -44.39
CA GLU A 183 -19.58 2.68 -43.70
C GLU A 183 -18.74 2.86 -42.45
N ILE A 184 -18.08 4.01 -42.35
CA ILE A 184 -17.11 4.24 -41.31
C ILE A 184 -17.50 5.35 -40.34
N LEU A 185 -17.78 6.53 -40.89
CA LEU A 185 -18.04 7.73 -40.10
C LEU A 185 -19.11 7.69 -38.97
N PRO A 186 -20.26 6.99 -39.17
CA PRO A 186 -21.31 7.11 -38.14
C PRO A 186 -21.02 6.46 -36.78
N LEU A 187 -20.06 5.55 -36.78
CA LEU A 187 -19.71 4.75 -35.60
C LEU A 187 -19.28 5.59 -34.40
N PHE A 188 -18.90 6.85 -34.64
CA PHE A 188 -18.40 7.72 -33.57
C PHE A 188 -19.47 8.52 -32.84
N ALA A 189 -20.68 8.51 -33.37
CA ALA A 189 -21.76 9.30 -32.79
C ALA A 189 -22.90 8.39 -32.36
N THR A 190 -22.64 7.09 -32.42
CA THR A 190 -23.65 6.08 -32.18
C THR A 190 -23.46 5.39 -30.82
N ASP A 191 -24.51 5.39 -29.99
CA ASP A 191 -24.45 4.71 -28.70
C ASP A 191 -24.26 3.21 -28.90
N ASN A 192 -23.68 2.54 -27.92
CA ASN A 192 -23.62 1.08 -27.87
C ASN A 192 -23.01 0.44 -29.13
N THR A 193 -22.05 1.15 -29.73
CA THR A 193 -21.39 0.71 -30.96
C THR A 193 -20.37 -0.41 -30.75
N PHE A 194 -19.56 -0.27 -29.70
CA PHE A 194 -18.46 -1.20 -29.48
C PHE A 194 -18.75 -2.14 -28.34
N GLY A 195 -19.84 -1.85 -27.63
CA GLY A 195 -20.32 -2.75 -26.60
C GLY A 195 -21.56 -2.23 -25.92
N PRO A 196 -22.28 -3.12 -25.21
CA PRO A 196 -23.50 -2.79 -24.47
C PRO A 196 -23.33 -1.65 -23.46
N ASP A 197 -24.31 -0.75 -23.44
CA ASP A 197 -24.38 0.36 -22.47
C ASP A 197 -23.13 1.23 -22.45
N THR A 198 -22.72 1.68 -23.62
CA THR A 198 -21.58 2.57 -23.74
C THR A 198 -21.99 3.86 -24.44
N PRO A 199 -21.46 4.98 -23.96
CA PRO A 199 -21.81 6.25 -24.61
C PRO A 199 -21.18 6.39 -26.00
N HIS A 200 -21.87 7.10 -26.89
CA HIS A 200 -21.33 7.39 -28.20
C HIS A 200 -20.10 8.26 -28.05
N CYS A 201 -19.08 8.03 -28.88
CA CYS A 201 -17.85 8.80 -28.79
C CYS A 201 -18.08 10.31 -28.86
N THR A 202 -19.05 10.71 -29.67
CA THR A 202 -19.41 12.11 -29.83
C THR A 202 -19.85 12.76 -28.52
N THR A 203 -20.23 11.95 -27.53
CA THR A 203 -20.63 12.47 -26.22
C THR A 203 -19.51 13.30 -25.59
N CYS A 204 -18.26 12.88 -25.80
CA CYS A 204 -17.13 13.52 -25.13
C CYS A 204 -16.24 14.31 -26.10
N HIS A 205 -16.38 14.05 -27.39
CA HIS A 205 -15.55 14.73 -28.39
C HIS A 205 -16.38 15.39 -29.48
N PHE A 206 -16.82 16.63 -29.22
CA PHE A 206 -17.76 17.32 -30.10
C PHE A 206 -17.42 18.78 -30.41
N SER A 207 -16.25 19.26 -30.01
CA SER A 207 -15.91 20.65 -30.29
C SER A 207 -14.42 20.92 -30.57
N ASN A 208 -14.06 22.19 -30.62
CA ASN A 208 -12.78 22.59 -31.17
C ASN A 208 -11.76 22.91 -30.10
N GLN A 209 -12.22 23.46 -28.98
CA GLN A 209 -11.37 23.77 -27.83
C GLN A 209 -11.60 22.86 -26.61
N GLU A 210 -10.76 23.02 -25.58
CA GLU A 210 -10.77 22.20 -24.35
C GLU A 210 -11.81 22.81 -23.37
N PRO A 211 -12.41 22.00 -22.47
CA PRO A 211 -13.82 22.11 -22.09
C PRO A 211 -14.75 22.71 -23.15
N PRO A 212 -15.75 21.93 -23.55
CA PRO A 212 -16.11 20.64 -22.94
C PRO A 212 -15.47 19.45 -23.64
N SER A 213 -14.70 19.71 -24.70
CA SER A 213 -14.08 18.68 -25.52
C SER A 213 -12.67 18.33 -25.04
N PHE A 214 -12.49 17.09 -24.61
CA PHE A 214 -11.24 16.64 -24.01
C PHE A 214 -10.08 16.53 -25.01
N HIS A 215 -8.92 17.06 -24.65
CA HIS A 215 -7.74 17.14 -25.52
C HIS A 215 -8.03 17.74 -26.91
N GLU A 216 -9.00 18.64 -26.96
CA GLU A 216 -9.34 19.46 -28.14
C GLU A 216 -9.64 18.69 -29.42
N LEU A 217 -10.29 17.55 -29.27
CA LEU A 217 -10.57 16.65 -30.38
C LEU A 217 -12.05 16.60 -30.74
N ASN A 218 -12.35 16.67 -32.04
CA ASN A 218 -13.73 16.68 -32.52
C ASN A 218 -13.96 15.52 -33.51
N LEU A 219 -14.81 14.56 -33.16
CA LEU A 219 -14.93 13.31 -33.91
C LEU A 219 -16.12 13.14 -34.85
N THR A 220 -16.78 14.25 -35.16
CA THR A 220 -17.96 14.23 -36.00
C THR A 220 -17.71 14.32 -37.53
N THR A 221 -16.57 14.89 -37.95
CA THR A 221 -16.32 15.13 -39.37
C THR A 221 -15.02 14.52 -39.89
N TYR A 222 -14.89 14.36 -41.21
CA TYR A 222 -13.65 13.82 -41.79
C TYR A 222 -12.40 14.65 -41.41
N GLU A 223 -12.47 15.98 -41.60
CA GLU A 223 -11.32 16.86 -41.28
C GLU A 223 -10.91 16.84 -39.81
N GLY A 224 -11.89 16.88 -38.91
CA GLY A 224 -11.61 16.93 -37.48
C GLY A 224 -10.89 15.68 -37.06
N ILE A 225 -11.25 14.57 -37.70
CA ILE A 225 -10.63 13.28 -37.46
C ILE A 225 -9.18 13.24 -37.99
N MET A 226 -8.94 13.75 -39.19
CA MET A 226 -7.58 13.78 -39.74
C MET A 226 -6.65 14.87 -39.17
N LEU A 227 -7.21 16.00 -38.74
CA LEU A 227 -6.40 17.06 -38.09
C LEU A 227 -5.81 16.51 -36.79
N GLY A 228 -6.66 15.87 -35.99
CA GLY A 228 -6.24 15.27 -34.74
C GLY A 228 -6.56 16.13 -33.54
N ALA A 229 -5.84 15.90 -32.45
CA ALA A 229 -6.13 16.55 -31.19
C ALA A 229 -5.24 17.76 -30.97
N ASP A 230 -5.61 18.59 -29.99
CA ASP A 230 -4.75 19.66 -29.50
C ASP A 230 -4.46 20.73 -30.57
N SER A 231 -5.46 21.02 -31.39
CA SER A 231 -5.28 21.92 -32.53
C SER A 231 -5.24 23.38 -32.08
N VAL A 232 -5.50 23.61 -30.80
CA VAL A 232 -5.57 24.95 -30.23
C VAL A 232 -4.47 25.13 -29.16
N GLY A 235 -1.36 22.91 -31.46
CA GLY A 235 -1.97 23.19 -32.75
C GLY A 235 -1.17 24.23 -33.47
N VAL A 236 -1.51 24.54 -34.73
CA VAL A 236 -2.57 23.88 -35.49
C VAL A 236 -1.96 22.95 -36.53
N ASP A 237 -0.66 23.11 -36.79
CA ASP A 237 0.03 22.29 -37.78
C ASP A 237 0.99 21.29 -37.15
N ASN A 238 1.18 21.40 -35.85
CA ASN A 238 1.90 20.39 -35.07
C ASN A 238 0.96 19.68 -34.13
N ALA A 239 -0.33 19.68 -34.47
CA ALA A 239 -1.33 19.02 -33.64
C ALA A 239 -1.01 17.53 -33.56
N THR A 240 -1.36 16.92 -32.41
CA THR A 240 -1.12 15.50 -32.19
C THR A 240 -1.93 14.72 -33.22
N LYS A 241 -1.25 14.25 -34.25
CA LYS A 241 -1.92 13.50 -35.31
C LYS A 241 -2.47 12.19 -34.74
N VAL A 242 -3.68 11.84 -35.17
CA VAL A 242 -4.42 10.75 -34.54
C VAL A 242 -4.66 9.58 -35.51
N ILE A 243 -4.45 9.81 -36.80
CA ILE A 243 -4.45 8.74 -37.81
C ILE A 243 -3.22 8.74 -38.72
N ILE A 244 -2.61 7.57 -38.87
CA ILE A 244 -1.50 7.37 -39.79
C ILE A 244 -1.92 6.42 -40.91
N PRO A 245 -2.24 6.96 -42.10
CA PRO A 245 -2.76 6.14 -43.21
C PRO A 245 -1.77 5.06 -43.61
N GLY A 246 -2.24 3.82 -43.72
CA GLY A 246 -1.38 2.69 -44.07
C GLY A 246 -0.76 1.94 -42.91
N ASP A 247 -0.99 2.43 -41.70
CA ASP A 247 -0.36 1.89 -40.49
C ASP A 247 -1.37 1.97 -39.35
N PRO A 248 -2.19 0.92 -39.16
CA PRO A 248 -3.23 0.93 -38.12
C PRO A 248 -2.61 1.00 -36.73
N GLU A 249 -1.50 0.28 -36.60
CA GLU A 249 -0.78 0.11 -35.35
C GLU A 249 -0.22 1.39 -34.70
N ALA A 250 0.07 2.40 -35.51
CA ALA A 250 0.62 3.66 -35.02
C ALA A 250 -0.46 4.73 -35.00
N SER A 251 -1.64 4.39 -35.50
CA SER A 251 -2.77 5.31 -35.56
C SER A 251 -3.40 5.33 -34.18
N LYS A 252 -3.41 6.49 -33.50
CA LYS A 252 -3.83 6.51 -32.09
C LYS A 252 -5.26 6.02 -31.87
N VAL A 253 -6.11 6.17 -32.87
CA VAL A 253 -7.49 5.73 -32.74
C VAL A 253 -7.60 4.20 -32.65
N PHE A 254 -6.88 3.51 -33.53
CA PHE A 254 -6.92 2.05 -33.56
C PHE A 254 -6.39 1.52 -32.24
N GLN A 255 -5.33 2.17 -31.76
CA GLN A 255 -4.72 1.82 -30.50
C GLN A 255 -5.73 1.87 -29.35
N HIS A 256 -6.44 2.99 -29.21
CA HIS A 256 -7.38 3.17 -28.09
C HIS A 256 -8.61 2.24 -28.23
N LEU A 257 -8.89 1.78 -29.45
CA LEU A 257 -10.04 0.92 -29.64
C LEU A 257 -9.76 -0.54 -29.32
N THR A 258 -8.50 -0.95 -29.44
CA THR A 258 -8.15 -2.36 -29.34
C THR A 258 -7.25 -2.72 -28.16
N GLU A 259 -6.79 -1.72 -27.40
CA GLU A 259 -5.82 -1.95 -26.34
C GLU A 259 -6.35 -1.61 -24.93
N ASP A 260 -6.57 -2.63 -24.12
CA ASP A 260 -7.08 -2.45 -22.76
C ASP A 260 -6.02 -1.99 -21.79
N ARG A 261 -6.32 -0.93 -21.03
CA ARG A 261 -5.36 -0.47 -20.04
C ARG A 261 -5.12 -1.56 -18.97
N MET A 262 -3.85 -1.68 -18.59
CA MET A 262 -3.43 -2.68 -17.62
C MET A 262 -3.36 -2.08 -16.21
N PRO A 263 -3.56 -2.93 -15.19
CA PRO A 263 -4.08 -4.29 -15.30
C PRO A 263 -5.54 -4.25 -15.69
N PRO A 264 -6.04 -5.33 -16.29
CA PRO A 264 -7.39 -5.30 -16.88
C PRO A 264 -8.43 -4.92 -15.85
N GLY A 265 -9.33 -4.00 -16.18
CA GLY A 265 -10.42 -3.69 -15.30
C GLY A 265 -10.10 -2.48 -14.44
N ILE A 266 -8.92 -1.92 -14.65
CA ILE A 266 -8.50 -0.73 -13.94
C ILE A 266 -9.47 0.39 -14.28
N ASP A 267 -9.88 1.12 -13.25
CA ASP A 267 -10.83 2.20 -13.44
C ASP A 267 -10.19 3.33 -14.23
N PRO A 268 -10.85 3.81 -15.28
CA PRO A 268 -10.29 4.80 -16.20
C PRO A 268 -9.76 6.07 -15.53
N SER A 269 -10.31 6.41 -14.38
CA SER A 269 -9.94 7.65 -13.68
C SER A 269 -8.69 7.54 -12.82
N GLU A 270 -8.14 6.33 -12.70
CA GLU A 270 -6.87 6.16 -12.00
C GLU A 270 -5.81 6.98 -12.72
N ASP A 271 -5.04 7.71 -11.93
CA ASP A 271 -3.95 8.58 -12.39
C ASP A 271 -3.19 7.95 -13.56
N ARG A 272 -3.22 8.64 -14.71
CA ARG A 272 -2.52 8.18 -15.90
C ARG A 272 -1.05 8.60 -15.89
N ASP A 273 -0.68 9.45 -14.94
CA ASP A 273 0.70 9.89 -14.78
C ASP A 273 1.29 9.42 -13.46
N HIS A 274 1.04 8.17 -13.10
CA HIS A 274 1.54 7.61 -11.85
C HIS A 274 3.05 7.80 -11.77
N PRO A 275 3.55 8.24 -10.59
CA PRO A 275 4.98 8.45 -10.38
C PRO A 275 5.77 7.21 -10.76
N ASN A 276 5.24 6.03 -10.45
CA ASN A 276 5.95 4.80 -10.78
C ASN A 276 6.03 4.62 -12.30
N THR A 277 5.00 5.06 -13.02
CA THR A 277 5.08 5.05 -14.47
C THR A 277 6.24 5.94 -14.90
N GLN A 278 6.29 7.15 -14.35
CA GLN A 278 7.27 8.13 -14.77
C GLN A 278 8.69 7.65 -14.50
N ILE A 279 8.86 6.96 -13.37
CA ILE A 279 10.15 6.42 -12.98
C ILE A 279 10.59 5.32 -13.95
N LEU A 280 9.64 4.44 -14.30
CA LEU A 280 9.90 3.40 -15.27
C LEU A 280 10.34 3.96 -16.64
N PHE A 281 9.66 5.01 -17.12
CA PHE A 281 10.04 5.63 -18.38
C PHE A 281 11.45 6.17 -18.26
N ALA A 282 11.74 6.74 -17.09
CA ALA A 282 13.03 7.31 -16.81
C ALA A 282 14.09 6.22 -16.93
N TRP A 283 13.77 5.03 -16.41
CA TRP A 283 14.68 3.89 -16.43
C TRP A 283 14.89 3.35 -17.86
N ILE A 284 13.84 3.42 -18.66
CA ILE A 284 13.93 2.99 -20.04
C ILE A 284 14.78 3.96 -20.83
N LYS A 285 14.50 5.25 -20.68
CA LYS A 285 15.27 6.27 -21.37
C LYS A 285 16.76 6.26 -21.00
N GLN A 286 17.06 5.79 -19.78
CA GLN A 286 18.44 5.70 -19.31
C GLN A 286 19.16 4.49 -19.89
N GLY A 287 18.44 3.69 -20.67
CA GLY A 287 19.04 2.59 -21.40
C GLY A 287 18.50 1.24 -21.02
N ALA A 288 17.52 1.25 -20.12
CA ALA A 288 16.94 0.01 -19.59
C ALA A 288 18.05 -0.90 -19.08
N LYS A 289 18.96 -0.33 -18.30
CA LYS A 289 20.12 -1.07 -17.79
C LYS A 289 19.72 -2.12 -16.73
N CYS A 290 20.43 -3.25 -16.73
CA CYS A 290 20.05 -4.41 -15.94
C CYS A 290 20.77 -4.51 -14.58
N GLU A 291 21.67 -3.56 -14.31
CA GLU A 291 22.42 -3.59 -13.05
C GLU A 291 21.97 -2.46 -12.09
N ASP B 33 -2.53 -28.53 -23.46
N ASP B 33 -3.16 -30.29 -24.96
CA ASP B 33 -3.26 -28.63 -24.73
CA ASP B 33 -2.03 -29.36 -24.96
C ASP B 33 -2.45 -28.03 -25.86
C ASP B 33 -2.26 -28.25 -25.97
N THR B 34 -1.73 -26.97 -25.52
N THR B 34 -1.34 -27.27 -25.93
CA THR B 34 -0.81 -26.20 -26.37
CA THR B 34 -0.95 -26.36 -27.02
C THR B 34 -1.58 -25.03 -27.01
C THR B 34 -1.59 -24.98 -27.04
N ARG B 35 -2.80 -24.81 -26.53
CA ARG B 35 -3.48 -23.57 -26.81
C ARG B 35 -2.99 -22.61 -25.75
N THR B 36 -2.62 -21.41 -26.17
CA THR B 36 -2.02 -20.42 -25.28
C THR B 36 -3.02 -19.72 -24.37
N LEU B 37 -2.48 -19.03 -23.36
CA LEU B 37 -3.26 -18.20 -22.48
C LEU B 37 -3.98 -17.15 -23.30
N SER B 38 -3.20 -16.45 -24.12
CA SER B 38 -3.75 -15.47 -25.04
C SER B 38 -4.87 -16.04 -25.90
N GLN B 39 -4.71 -17.26 -26.39
CA GLN B 39 -5.71 -17.88 -27.26
C GLN B 39 -7.04 -18.16 -26.52
N GLN B 40 -6.98 -18.66 -25.28
CA GLN B 40 -8.21 -18.89 -24.51
C GLN B 40 -8.92 -17.59 -24.19
N TYR B 41 -8.15 -16.56 -23.87
CA TYR B 41 -8.70 -15.24 -23.51
C TYR B 41 -9.48 -14.68 -24.68
N LEU B 42 -8.88 -14.69 -25.86
CA LEU B 42 -9.55 -14.21 -27.05
C LEU B 42 -10.85 -15.00 -27.26
N ASP B 43 -10.83 -16.31 -27.00
CA ASP B 43 -12.02 -17.13 -27.14
C ASP B 43 -13.10 -16.85 -26.08
N ASP B 44 -12.69 -16.58 -24.84
CA ASP B 44 -13.62 -16.38 -23.72
C ASP B 44 -14.30 -14.98 -23.73
N VAL B 45 -13.63 -13.99 -24.29
CA VAL B 45 -14.20 -12.65 -24.45
C VAL B 45 -15.29 -12.70 -25.51
N ARG B 46 -15.05 -13.55 -26.50
CA ARG B 46 -15.97 -13.83 -27.59
C ARG B 46 -17.27 -14.51 -27.12
N SER B 47 -17.16 -15.53 -26.27
CA SER B 47 -18.31 -16.31 -25.79
C SER B 47 -19.13 -15.65 -24.66
N GLY B 48 -18.57 -14.62 -24.03
CA GLY B 48 -19.24 -13.97 -22.93
C GLY B 48 -18.97 -14.76 -21.66
N ALA B 49 -17.95 -15.62 -21.70
CA ALA B 49 -17.62 -16.49 -20.57
C ALA B 49 -17.02 -15.71 -19.43
N ILE B 50 -16.63 -14.47 -19.74
CA ILE B 50 -16.07 -13.58 -18.73
C ILE B 50 -17.15 -12.67 -18.16
N VAL B 51 -17.36 -12.78 -16.86
CA VAL B 51 -18.39 -12.01 -16.19
C VAL B 51 -17.70 -11.06 -15.24
N ILE B 52 -18.18 -9.82 -15.20
CA ILE B 52 -17.54 -8.81 -14.41
C ILE B 52 -18.46 -8.33 -13.29
N GLU B 53 -18.05 -8.58 -12.05
CA GLU B 53 -18.80 -8.14 -10.86
C GLU B 53 -17.88 -7.65 -9.73
N GLY B 54 -17.72 -6.33 -9.64
CA GLY B 54 -16.96 -5.67 -8.58
C GLY B 54 -15.47 -6.00 -8.54
N ASP B 55 -14.83 -5.87 -9.70
CA ASP B 55 -13.43 -6.22 -9.96
C ASP B 55 -12.38 -5.90 -8.86
N SER B 56 -11.58 -6.87 -8.38
CA SER B 56 -11.73 -8.36 -8.37
C SER B 56 -11.77 -9.23 -9.65
N ALA B 57 -12.54 -8.82 -10.66
CA ALA B 57 -12.89 -9.64 -11.81
C ALA B 57 -11.65 -10.12 -12.56
N ALA B 58 -10.69 -9.20 -12.74
CA ALA B 58 -9.42 -9.55 -13.38
C ALA B 58 -8.84 -10.82 -12.75
N VAL B 59 -8.93 -10.95 -11.43
CA VAL B 59 -8.32 -12.07 -10.69
C VAL B 59 -9.10 -13.40 -10.78
N SER B 60 -10.43 -13.36 -10.61
CA SER B 60 -11.20 -14.61 -10.61
C SER B 60 -11.26 -15.22 -11.98
N GLU B 61 -11.42 -14.37 -12.98
CA GLU B 61 -11.71 -14.83 -14.34
C GLU B 61 -10.49 -15.05 -15.23
N LEU B 62 -9.40 -14.33 -14.98
CA LEU B 62 -8.23 -14.52 -15.85
C LEU B 62 -7.12 -15.29 -15.17
N ILE B 63 -7.09 -15.28 -13.83
CA ILE B 63 -5.98 -15.87 -13.08
C ILE B 63 -6.33 -17.20 -12.44
N LEU B 64 -7.39 -17.20 -11.64
CA LEU B 64 -7.78 -18.42 -10.96
C LEU B 64 -8.43 -19.43 -11.90
N LYS B 65 -9.37 -18.95 -12.71
CA LYS B 65 -10.12 -19.77 -13.66
C LYS B 65 -9.17 -20.47 -14.63
N ARG B 66 -8.14 -19.76 -15.09
CA ARG B 66 -7.20 -20.33 -16.08
C ARG B 66 -6.07 -21.04 -15.38
N ASP B 67 -6.15 -21.07 -14.06
CA ASP B 67 -5.19 -21.79 -13.21
C ASP B 67 -3.70 -21.46 -13.52
N ILE B 68 -3.41 -20.16 -13.61
CA ILE B 68 -2.05 -19.65 -13.77
C ILE B 68 -1.23 -19.95 -12.53
N PRO B 69 -0.01 -20.45 -12.73
CA PRO B 69 0.94 -20.80 -11.67
C PRO B 69 1.49 -19.61 -10.87
N ILE B 70 1.37 -19.71 -9.55
CA ILE B 70 1.80 -18.66 -8.65
C ILE B 70 3.18 -18.94 -8.05
N PRO B 71 4.15 -18.04 -8.27
CA PRO B 71 5.51 -18.26 -7.75
C PRO B 71 5.60 -18.00 -6.26
N TYR B 72 6.47 -18.72 -5.54
CA TYR B 72 6.58 -18.46 -4.11
C TYR B 72 7.08 -17.05 -3.87
N SER B 73 7.80 -16.49 -4.85
CA SER B 73 8.34 -15.16 -4.67
C SER B 73 7.22 -14.16 -4.35
N TYR B 74 6.05 -14.30 -5.01
CA TYR B 74 4.89 -13.44 -4.75
C TYR B 74 4.32 -13.70 -3.35
N ILE B 75 4.21 -14.96 -2.99
CA ILE B 75 3.68 -15.31 -1.67
C ILE B 75 4.57 -14.74 -0.53
N ALA B 76 5.87 -14.84 -0.70
CA ALA B 76 6.82 -14.36 0.31
C ALA B 76 6.58 -12.89 0.62
N GLN B 77 6.31 -12.15 -0.44
CA GLN B 77 6.07 -10.71 -0.38
C GLN B 77 4.78 -10.40 0.37
N LEU B 78 3.81 -11.28 0.22
CA LEU B 78 2.52 -11.15 0.87
C LEU B 78 2.65 -11.18 2.40
N PHE B 79 3.43 -12.12 2.89
CA PHE B 79 3.57 -12.28 4.32
C PHE B 79 4.47 -11.23 4.93
N ALA B 80 5.21 -10.54 4.06
CA ALA B 80 6.20 -9.55 4.45
C ALA B 80 5.75 -8.10 4.26
N THR B 81 4.60 -7.91 3.62
CA THR B 81 4.15 -6.55 3.32
C THR B 81 2.98 -6.16 4.21
N PRO B 82 3.07 -4.99 4.87
CA PRO B 82 1.95 -4.57 5.72
C PRO B 82 0.69 -4.36 4.88
N ASN B 83 -0.44 -4.73 5.48
CA ASN B 83 -1.80 -4.55 4.92
C ASN B 83 -2.13 -5.49 3.76
N ALA B 84 -1.33 -6.55 3.63
CA ALA B 84 -1.41 -7.43 2.48
C ALA B 84 -2.73 -8.20 2.34
N PHE B 85 -3.36 -8.55 3.45
CA PHE B 85 -4.64 -9.27 3.38
C PHE B 85 -5.76 -8.47 3.95
N GLY B 86 -5.45 -7.23 4.31
CA GLY B 86 -6.38 -6.40 5.05
C GLY B 86 -5.54 -5.64 6.04
N SER B 87 -6.13 -4.62 6.66
CA SER B 87 -5.43 -3.67 7.52
C SER B 87 -4.70 -4.31 8.68
N GLY B 88 -3.41 -3.99 8.82
CA GLY B 88 -2.63 -4.45 9.96
C GLY B 88 -1.17 -4.69 9.59
N PRO B 89 -0.30 -4.82 10.61
CA PRO B 89 1.14 -4.99 10.40
C PRO B 89 1.46 -6.31 9.66
N ALA B 90 2.64 -6.38 9.07
CA ALA B 90 2.98 -7.54 8.27
C ALA B 90 3.10 -8.81 9.12
N CYS B 91 2.65 -9.92 8.56
CA CYS B 91 2.61 -11.18 9.28
C CYS B 91 3.97 -11.59 9.82
N ILE B 92 5.04 -11.39 9.05
CA ILE B 92 6.35 -11.88 9.46
C ILE B 92 6.96 -11.11 10.65
N ILE B 93 6.41 -9.95 10.98
CA ILE B 93 6.90 -9.26 12.17
C ILE B 93 6.63 -10.11 13.41
N CYS B 94 5.39 -10.58 13.55
CA CYS B 94 5.00 -11.36 14.71
C CYS B 94 5.24 -12.85 14.53
N HIS B 95 5.37 -13.27 13.28
CA HIS B 95 5.55 -14.68 12.95
C HIS B 95 6.75 -14.87 12.05
N GLY B 96 7.93 -14.47 12.51
CA GLY B 96 9.09 -14.44 11.63
C GLY B 96 10.20 -15.38 11.98
N SER B 97 9.86 -16.42 12.75
CA SER B 97 10.88 -17.28 13.34
C SER B 97 10.25 -18.55 13.91
N ASN B 98 11.05 -19.60 14.04
CA ASN B 98 10.60 -20.82 14.68
C ASN B 98 10.95 -20.86 16.18
N ASN B 99 11.53 -19.76 16.67
CA ASN B 99 11.87 -19.59 18.08
C ASN B 99 10.71 -18.89 18.75
N PRO B 100 10.03 -19.59 19.67
CA PRO B 100 8.78 -19.08 20.26
C PRO B 100 8.90 -17.82 21.09
N THR B 101 10.12 -17.34 21.34
CA THR B 101 10.31 -16.07 22.04
C THR B 101 10.51 -14.91 21.10
N HIS B 102 10.68 -15.21 19.83
CA HIS B 102 10.90 -14.19 18.82
C HIS B 102 9.66 -14.14 17.90
N ALA B 103 8.80 -15.16 18.00
CA ALA B 103 7.63 -15.27 17.14
C ALA B 103 6.49 -15.99 17.81
N TYR B 104 5.29 -15.42 17.70
CA TYR B 104 4.13 -16.04 18.33
C TYR B 104 3.94 -17.45 17.85
N ARG B 105 3.78 -18.37 18.78
CA ARG B 105 3.55 -19.78 18.47
C ARG B 105 4.72 -20.40 17.72
N GLY B 106 5.85 -19.71 17.67
CA GLY B 106 6.98 -20.22 16.93
C GLY B 106 6.59 -20.52 15.49
N LEU B 107 5.76 -19.66 14.93
CA LEU B 107 5.29 -19.82 13.57
C LEU B 107 6.13 -18.94 12.66
N ASN B 108 6.88 -19.56 11.76
CA ASN B 108 7.72 -18.81 10.84
C ASN B 108 7.07 -18.70 9.47
N LEU B 109 6.39 -17.59 9.20
CA LEU B 109 5.73 -17.40 7.92
C LEU B 109 6.67 -16.79 6.86
N SER B 110 7.94 -16.62 7.20
CA SER B 110 8.85 -15.81 6.37
C SER B 110 9.62 -16.63 5.34
N THR B 111 9.54 -17.95 5.45
CA THR B 111 10.15 -18.85 4.46
C THR B 111 9.17 -19.95 4.02
N CYS B 112 9.44 -20.55 2.85
CA CYS B 112 8.56 -21.58 2.29
C CYS B 112 8.48 -22.78 3.22
N ASP B 113 9.64 -23.22 3.71
CA ASP B 113 9.67 -24.35 4.64
C ASP B 113 8.93 -23.97 5.93
N GLY B 114 9.09 -22.71 6.35
CA GLY B 114 8.48 -22.21 7.58
C GLY B 114 6.98 -22.25 7.54
N LEU B 115 6.45 -21.86 6.36
CA LEU B 115 5.02 -21.91 6.07
C LEU B 115 4.53 -23.37 6.08
N ARG B 116 5.26 -24.26 5.41
CA ARG B 116 4.86 -25.65 5.28
C ARG B 116 4.84 -26.36 6.63
N ASN B 117 5.79 -26.00 7.49
CA ASN B 117 5.88 -26.53 8.87
C ASN B 117 4.75 -26.11 9.82
N GLY B 118 4.38 -24.84 9.75
CA GLY B 118 3.35 -24.30 10.61
C GLY B 118 3.90 -23.93 11.97
N SER B 119 3.02 -23.96 12.96
CA SER B 119 3.39 -23.61 14.32
C SER B 119 4.29 -24.64 14.97
N THR B 120 5.33 -24.15 15.62
CA THR B 120 6.38 -24.95 16.24
C THR B 120 6.20 -25.16 17.74
N GLU B 121 5.81 -24.09 18.44
CA GLU B 121 5.64 -24.13 19.90
C GLU B 121 4.57 -25.14 20.26
N GLN B 122 4.80 -25.90 21.33
CA GLN B 122 3.81 -26.90 21.72
C GLN B 122 2.51 -26.21 22.09
N PRO B 123 1.39 -26.66 21.51
CA PRO B 123 1.10 -27.76 20.56
C PRO B 123 1.39 -27.51 19.07
N ALA B 124 2.31 -28.26 18.47
CA ALA B 124 2.72 -28.02 17.09
C ALA B 124 1.67 -28.48 16.08
N ARG B 125 1.50 -27.73 14.99
CA ARG B 125 0.51 -28.08 13.97
C ARG B 125 0.75 -27.35 12.64
N ALA B 126 0.46 -28.06 11.55
CA ALA B 126 0.51 -27.43 10.25
C ALA B 126 -0.62 -26.43 10.16
N ILE B 127 -0.41 -25.37 9.40
CA ILE B 127 -1.49 -24.41 9.23
C ILE B 127 -2.16 -24.63 7.87
N PHE B 128 -1.57 -25.48 7.05
CA PHE B 128 -2.28 -25.99 5.87
C PHE B 128 -1.65 -27.27 5.36
N THR B 129 -2.37 -27.94 4.46
CA THR B 129 -1.85 -29.15 3.84
C THR B 129 -1.69 -28.94 2.34
N PRO B 130 -0.46 -29.05 1.83
CA PRO B 130 -0.16 -28.76 0.41
C PRO B 130 -0.98 -29.57 -0.57
N GLY B 131 -1.61 -28.88 -1.54
CA GLY B 131 -2.36 -29.57 -2.57
C GLY B 131 -3.83 -29.69 -2.24
N GLU B 132 -4.16 -29.38 -0.98
CA GLU B 132 -5.55 -29.39 -0.51
C GLU B 132 -6.05 -27.98 -0.28
N ASP B 133 -7.33 -27.79 -0.57
CA ASP B 133 -8.00 -26.52 -0.35
C ASP B 133 -7.89 -26.06 1.09
N PRO B 134 -7.20 -24.93 1.32
CA PRO B 134 -6.93 -24.40 2.65
C PRO B 134 -8.04 -23.49 3.18
N LYS B 135 -9.13 -23.29 2.42
CA LYS B 135 -10.24 -22.39 2.81
C LYS B 135 -10.67 -22.54 4.29
N ASN B 136 -10.64 -23.78 4.79
CA ASN B 136 -10.99 -24.05 6.18
C ASN B 136 -9.82 -24.65 6.98
N ALA B 137 -8.61 -24.69 6.42
CA ALA B 137 -7.42 -25.01 7.22
C ALA B 137 -7.10 -23.83 8.14
N ILE B 138 -6.14 -23.97 9.05
CA ILE B 138 -5.91 -22.89 10.02
C ILE B 138 -5.54 -21.53 9.37
N ILE B 139 -4.70 -21.53 8.33
CA ILE B 139 -4.33 -20.27 7.70
C ILE B 139 -5.56 -19.59 7.08
N GLY B 140 -6.50 -20.40 6.58
CA GLY B 140 -7.69 -19.85 5.97
C GLY B 140 -8.61 -19.21 6.99
N ARG B 141 -8.85 -19.88 8.11
CA ARG B 141 -9.73 -19.31 9.13
C ARG B 141 -9.11 -18.07 9.70
N ARG B 142 -7.79 -18.06 9.87
CA ARG B 142 -7.14 -16.91 10.45
C ARG B 142 -7.19 -15.71 9.51
N LEU B 143 -7.27 -15.95 8.20
CA LEU B 143 -7.33 -14.84 7.25
C LEU B 143 -8.76 -14.39 7.00
N ARG B 144 -9.72 -15.32 7.05
CA ARG B 144 -11.09 -15.01 6.62
C ARG B 144 -12.15 -15.03 7.72
N ALA B 145 -11.91 -15.73 8.83
CA ALA B 145 -12.97 -15.92 9.83
C ALA B 145 -12.93 -14.90 10.97
N ASN B 146 -13.90 -14.00 10.95
CA ASN B 146 -14.07 -13.06 12.05
C ASN B 146 -14.43 -13.79 13.31
N ARG B 147 -13.80 -13.40 14.40
CA ARG B 147 -14.13 -13.94 15.69
C ARG B 147 -15.57 -13.59 16.03
N MET B 148 -16.24 -14.53 16.70
CA MET B 148 -17.61 -14.33 17.19
C MET B 148 -17.62 -14.17 18.74
N PRO B 149 -18.53 -13.33 19.27
CA PRO B 149 -19.53 -12.52 18.54
C PRO B 149 -18.91 -11.41 17.70
N LEU B 150 -19.44 -11.22 16.50
CA LEU B 150 -18.90 -10.28 15.51
C LEU B 150 -18.45 -8.99 16.14
N GLY B 151 -17.19 -8.65 15.95
CA GLY B 151 -16.66 -7.38 16.40
C GLY B 151 -15.94 -7.40 17.73
N ILE B 152 -16.00 -8.52 18.43
CA ILE B 152 -15.34 -8.63 19.74
C ILE B 152 -13.83 -8.44 19.62
N ALA B 153 -13.26 -7.65 20.52
CA ALA B 153 -11.82 -7.29 20.48
C ALA B 153 -10.94 -8.43 20.92
N PHE B 154 -9.73 -8.52 20.36
CA PHE B 154 -8.87 -9.66 20.64
C PHE B 154 -8.33 -9.76 22.07
N ASN B 155 -8.40 -8.69 22.86
CA ASN B 155 -7.91 -8.76 24.24
C ASN B 155 -8.96 -9.32 25.22
N ASN B 156 -9.98 -9.97 24.68
CA ASN B 156 -10.87 -10.82 25.45
C ASN B 156 -10.40 -12.26 25.41
N PRO B 157 -10.39 -12.92 26.58
CA PRO B 157 -9.83 -14.26 26.66
C PRO B 157 -10.56 -15.29 25.79
N THR B 158 -9.82 -16.28 25.29
CA THR B 158 -10.37 -17.33 24.43
C THR B 158 -10.51 -18.64 25.22
N ASP B 159 -10.29 -18.56 26.53
CA ASP B 159 -10.45 -19.70 27.42
C ASP B 159 -11.29 -19.35 28.65
N SER B 160 -12.22 -18.41 28.47
CA SER B 160 -13.14 -18.00 29.54
C SER B 160 -14.09 -19.12 29.93
N ALA B 161 -14.83 -18.90 31.02
CA ALA B 161 -15.71 -19.93 31.54
C ALA B 161 -16.70 -20.52 30.51
N PRO B 162 -17.46 -19.66 29.78
CA PRO B 162 -18.44 -20.18 28.81
C PRO B 162 -17.82 -20.97 27.67
N ILE B 163 -16.68 -20.50 27.16
CA ILE B 163 -16.04 -21.15 26.02
C ILE B 163 -15.66 -22.55 26.46
N LEU B 164 -15.11 -22.64 27.66
CA LEU B 164 -14.68 -23.91 28.24
C LEU B 164 -15.88 -24.84 28.44
N ALA B 165 -16.99 -24.28 28.92
CA ALA B 165 -18.25 -25.01 29.02
C ALA B 165 -18.71 -25.60 27.68
N ILE B 166 -18.76 -24.76 26.65
CA ILE B 166 -19.13 -25.20 25.30
C ILE B 166 -18.16 -26.25 24.79
N LYS B 167 -16.88 -26.10 25.12
CA LYS B 167 -15.87 -27.07 24.74
C LYS B 167 -16.20 -28.46 25.34
N GLU B 168 -16.51 -28.51 26.64
CA GLU B 168 -16.75 -29.79 27.31
C GLU B 168 -18.01 -30.45 26.81
N TRP B 169 -19.01 -29.62 26.50
CA TRP B 169 -20.27 -30.07 25.96
C TRP B 169 -20.08 -30.75 24.60
N ILE B 170 -19.16 -30.23 23.80
CA ILE B 170 -18.88 -30.79 22.48
C ILE B 170 -18.12 -32.09 22.62
N LEU B 171 -17.18 -32.09 23.57
CA LEU B 171 -16.43 -33.29 23.92
C LEU B 171 -17.36 -34.39 24.36
N ALA B 172 -18.42 -34.00 25.05
CA ALA B 172 -19.34 -34.95 25.63
C ALA B 172 -20.21 -35.60 24.57
N GLY B 173 -20.09 -35.15 23.33
CA GLY B 173 -20.88 -35.72 22.26
C GLY B 173 -22.04 -34.81 21.92
N ALA B 174 -22.00 -33.60 22.47
CA ALA B 174 -23.03 -32.57 22.26
C ALA B 174 -24.43 -33.07 22.56
N PRO B 175 -24.70 -33.44 23.84
CA PRO B 175 -26.00 -33.96 24.29
C PRO B 175 -27.12 -32.92 24.42
N ASN B 176 -28.38 -33.32 24.23
CA ASN B 176 -29.53 -32.44 24.53
C ASN B 176 -30.15 -32.70 25.92
N ASP B 177 -29.33 -32.67 26.96
CA ASP B 177 -29.80 -33.03 28.29
C ASP B 177 -30.29 -31.82 29.08
N GLU B 178 -30.44 -32.03 30.39
CA GLU B 178 -30.88 -30.98 31.28
C GLU B 178 -29.76 -29.94 31.34
N HIS B 179 -28.53 -30.44 31.48
CA HIS B 179 -27.34 -29.59 31.61
C HIS B 179 -27.22 -28.63 30.44
N PHE B 180 -27.36 -29.15 29.23
CA PHE B 180 -27.28 -28.31 28.05
C PHE B 180 -28.33 -27.22 28.12
N THR B 181 -29.58 -27.60 28.34
CA THR B 181 -30.66 -26.63 28.27
C THR B 181 -30.52 -25.49 29.28
N LYS B 182 -30.07 -25.79 30.50
CA LYS B 182 -29.96 -24.77 31.52
C LYS B 182 -28.59 -24.08 31.51
N GLU B 183 -27.54 -24.83 31.19
CA GLU B 183 -26.18 -24.33 31.32
C GLU B 183 -25.49 -23.95 29.99
N ILE B 184 -25.98 -24.42 28.84
CA ILE B 184 -25.30 -24.16 27.57
C ILE B 184 -26.12 -23.30 26.59
N LEU B 185 -27.38 -23.67 26.35
CA LEU B 185 -28.23 -22.93 25.41
C LEU B 185 -28.30 -21.41 25.65
N PRO B 186 -28.37 -20.98 26.91
CA PRO B 186 -28.48 -19.52 27.07
C PRO B 186 -27.21 -18.76 26.71
N LEU B 187 -26.08 -19.45 26.56
CA LEU B 187 -24.87 -18.73 26.23
C LEU B 187 -24.99 -18.06 24.88
N PHE B 188 -25.86 -18.61 24.03
CA PHE B 188 -25.99 -18.08 22.69
C PHE B 188 -27.04 -16.99 22.66
N ALA B 189 -27.79 -16.85 23.72
CA ALA B 189 -28.86 -15.86 23.69
C ALA B 189 -28.69 -14.76 24.74
N THR B 190 -27.57 -14.75 25.45
CA THR B 190 -27.36 -13.81 26.56
C THR B 190 -26.29 -12.76 26.26
N ASP B 191 -26.62 -11.49 26.44
CA ASP B 191 -25.66 -10.40 26.22
C ASP B 191 -24.45 -10.51 27.13
N ASN B 192 -23.33 -9.93 26.69
CA ASN B 192 -22.10 -9.80 27.48
C ASN B 192 -21.57 -11.11 28.05
N THR B 193 -21.80 -12.20 27.32
CA THR B 193 -21.40 -13.52 27.75
C THR B 193 -19.92 -13.78 27.52
N PHE B 194 -19.39 -13.37 26.36
CA PHE B 194 -18.02 -13.72 25.96
C PHE B 194 -17.04 -12.57 26.10
N GLY B 195 -17.57 -11.39 26.36
CA GLY B 195 -16.78 -10.22 26.71
C GLY B 195 -17.74 -9.08 26.96
N PRO B 196 -17.26 -8.04 27.66
CA PRO B 196 -18.02 -6.82 27.99
C PRO B 196 -18.60 -6.15 26.74
N ASP B 197 -19.84 -5.68 26.82
CA ASP B 197 -20.50 -4.90 25.75
C ASP B 197 -20.56 -5.60 24.40
N THR B 198 -21.03 -6.83 24.39
CA THR B 198 -21.22 -7.63 23.18
C THR B 198 -22.64 -8.20 23.09
N PRO B 199 -23.24 -8.21 21.90
CA PRO B 199 -24.58 -8.76 21.64
C PRO B 199 -24.66 -10.31 21.67
N HIS B 200 -25.81 -10.83 22.08
CA HIS B 200 -26.06 -12.27 22.07
C HIS B 200 -25.99 -12.77 20.64
N CYS B 201 -25.47 -13.99 20.44
CA CYS B 201 -25.37 -14.61 19.12
C CYS B 201 -26.73 -14.63 18.42
N THR B 202 -27.76 -14.84 19.21
CA THR B 202 -29.13 -14.88 18.76
C THR B 202 -29.58 -13.59 18.07
N THR B 203 -28.86 -12.50 18.31
CA THR B 203 -29.17 -11.25 17.64
C THR B 203 -29.10 -11.43 16.12
N CYS B 204 -28.11 -12.21 15.67
CA CYS B 204 -27.81 -12.36 14.25
C CYS B 204 -28.04 -13.74 13.68
N HIS B 205 -28.14 -14.74 14.54
CA HIS B 205 -28.31 -16.12 14.08
C HIS B 205 -29.56 -16.73 14.71
N PHE B 206 -30.73 -16.48 14.13
CA PHE B 206 -31.97 -16.89 14.79
C PHE B 206 -33.02 -17.57 13.92
N SER B 207 -32.70 -17.79 12.66
CA SER B 207 -33.60 -18.50 11.75
C SER B 207 -32.83 -19.19 10.63
N ASN B 208 -33.59 -19.75 9.69
CA ASN B 208 -33.00 -20.50 8.58
C ASN B 208 -33.17 -19.74 7.28
N GLN B 209 -33.73 -18.53 7.36
CA GLN B 209 -33.85 -17.66 6.19
C GLN B 209 -32.78 -16.56 6.16
N GLU B 210 -32.04 -16.47 5.05
CA GLU B 210 -31.00 -15.44 4.93
C GLU B 210 -31.64 -14.19 4.33
N PRO B 211 -31.10 -13.01 4.67
CA PRO B 211 -31.93 -12.01 5.33
C PRO B 211 -33.13 -12.64 6.06
N PRO B 212 -33.17 -12.42 7.38
CA PRO B 212 -32.27 -11.55 8.14
C PRO B 212 -31.13 -12.25 8.89
N SER B 213 -31.18 -13.56 8.88
CA SER B 213 -30.29 -14.40 9.68
C SER B 213 -29.03 -14.84 8.90
N PHE B 214 -27.84 -14.41 9.34
CA PHE B 214 -26.61 -14.64 8.55
C PHE B 214 -26.22 -16.12 8.44
N HIS B 215 -25.86 -16.55 7.24
CA HIS B 215 -25.59 -17.97 6.91
C HIS B 215 -26.70 -18.97 7.30
N GLU B 216 -27.95 -18.51 7.41
CA GLU B 216 -29.09 -19.42 7.64
C GLU B 216 -28.87 -20.31 8.87
N LEU B 217 -28.23 -19.72 9.89
CA LEU B 217 -27.80 -20.44 11.08
C LEU B 217 -28.66 -20.03 12.24
N ASN B 218 -29.16 -21.03 12.96
CA ASN B 218 -30.11 -20.77 14.05
C ASN B 218 -29.55 -21.27 15.36
N LEU B 219 -29.27 -20.35 16.29
CA LEU B 219 -28.65 -20.73 17.56
C LEU B 219 -29.61 -20.68 18.78
N THR B 220 -30.92 -20.63 18.53
CA THR B 220 -31.93 -20.50 19.61
C THR B 220 -32.34 -21.82 20.25
N THR B 221 -32.18 -22.91 19.49
CA THR B 221 -32.54 -24.23 19.95
C THR B 221 -31.40 -25.21 19.72
N TYR B 222 -31.45 -26.33 20.43
CA TYR B 222 -30.54 -27.43 20.21
C TYR B 222 -30.62 -27.90 18.75
N GLU B 223 -31.84 -28.06 18.27
CA GLU B 223 -32.11 -28.54 16.92
C GLU B 223 -31.48 -27.62 15.88
N GLY B 224 -31.63 -26.32 16.07
CA GLY B 224 -31.06 -25.36 15.14
C GLY B 224 -29.54 -25.34 15.13
N ILE B 225 -28.94 -25.50 16.32
CA ILE B 225 -27.48 -25.47 16.50
C ILE B 225 -26.80 -26.67 15.88
N MET B 226 -27.40 -27.84 16.07
CA MET B 226 -26.88 -29.05 15.45
C MET B 226 -27.18 -29.11 13.93
N LEU B 227 -28.30 -28.53 13.51
CA LEU B 227 -28.60 -28.48 12.08
C LEU B 227 -27.46 -27.77 11.35
N GLY B 228 -27.14 -26.58 11.83
CA GLY B 228 -26.05 -25.80 11.28
C GLY B 228 -26.50 -24.76 10.26
N ALA B 229 -25.53 -24.34 9.46
CA ALA B 229 -25.73 -23.25 8.51
C ALA B 229 -26.01 -23.70 7.08
N ASP B 230 -26.58 -22.78 6.32
CA ASP B 230 -26.76 -22.93 4.88
C ASP B 230 -27.64 -24.14 4.60
N SER B 231 -28.59 -24.41 5.50
CA SER B 231 -29.39 -25.62 5.39
C SER B 231 -30.54 -25.51 4.41
N VAL B 232 -30.77 -24.32 3.87
CA VAL B 232 -31.94 -24.13 3.04
C VAL B 232 -31.46 -23.90 1.65
N ALA B 233 -30.76 -22.79 1.48
CA ALA B 233 -30.21 -22.47 0.18
C ALA B 233 -28.92 -23.24 -0.02
N LYS B 234 -29.01 -24.57 -0.17
CA LYS B 234 -27.93 -25.55 -0.51
C LYS B 234 -28.00 -26.86 0.30
N GLY B 235 -29.10 -27.61 0.16
CA GLY B 235 -29.23 -28.97 0.68
C GLY B 235 -29.64 -28.96 2.14
N VAL B 236 -30.06 -30.09 2.70
CA VAL B 236 -30.34 -30.16 4.14
C VAL B 236 -29.52 -31.27 4.77
N ASP B 237 -29.00 -32.11 3.89
CA ASP B 237 -28.13 -33.21 4.24
C ASP B 237 -26.76 -32.76 3.82
N ASN B 238 -26.78 -31.59 3.19
CA ASN B 238 -25.58 -30.91 2.79
C ASN B 238 -25.37 -29.63 3.60
N ALA B 239 -26.01 -29.56 4.76
CA ALA B 239 -25.88 -28.41 5.65
C ALA B 239 -24.43 -28.31 6.11
N THR B 240 -23.99 -27.10 6.45
CA THR B 240 -22.63 -26.87 6.93
C THR B 240 -22.65 -27.08 8.44
N LYS B 241 -22.21 -28.26 8.91
CA LYS B 241 -22.30 -28.57 10.33
C LYS B 241 -21.36 -27.65 11.12
N VAL B 242 -21.90 -27.14 12.21
CA VAL B 242 -21.27 -26.06 12.94
C VAL B 242 -20.92 -26.54 14.34
N ILE B 243 -21.50 -27.69 14.70
CA ILE B 243 -21.04 -28.43 15.87
C ILE B 243 -20.73 -29.86 15.39
N ILE B 244 -19.54 -30.33 15.71
CA ILE B 244 -19.11 -31.68 15.40
C ILE B 244 -18.90 -32.46 16.70
N PRO B 245 -19.87 -33.31 17.06
CA PRO B 245 -19.85 -33.95 18.38
C PRO B 245 -18.56 -34.71 18.62
N GLY B 246 -17.95 -34.46 19.79
CA GLY B 246 -16.72 -35.13 20.18
C GLY B 246 -15.44 -34.44 19.75
N ASP B 247 -15.57 -33.40 18.94
CA ASP B 247 -14.40 -32.72 18.35
C ASP B 247 -14.66 -31.24 18.29
N PRO B 248 -14.33 -30.56 19.38
CA PRO B 248 -14.49 -29.13 19.54
C PRO B 248 -13.56 -28.39 18.59
N GLU B 249 -12.38 -28.95 18.40
CA GLU B 249 -11.36 -28.32 17.56
C GLU B 249 -11.84 -28.10 16.12
N ALA B 250 -12.78 -28.94 15.68
CA ALA B 250 -13.28 -28.89 14.30
C ALA B 250 -14.66 -28.24 14.21
N SER B 251 -15.22 -27.91 15.35
CA SER B 251 -16.56 -27.35 15.42
C SER B 251 -16.50 -25.86 15.09
N LYS B 252 -17.23 -25.43 14.06
CA LYS B 252 -17.10 -24.05 13.59
C LYS B 252 -17.51 -23.01 14.67
N VAL B 253 -18.40 -23.40 15.59
CA VAL B 253 -18.78 -22.49 16.69
C VAL B 253 -17.58 -22.23 17.60
N PHE B 254 -16.90 -23.31 17.98
CA PHE B 254 -15.79 -23.21 18.92
C PHE B 254 -14.64 -22.41 18.30
N GLN B 255 -14.36 -22.69 17.03
CA GLN B 255 -13.34 -22.00 16.28
C GLN B 255 -13.59 -20.49 16.29
N HIS B 256 -14.80 -20.08 15.94
CA HIS B 256 -15.13 -18.66 15.86
C HIS B 256 -15.12 -18.03 17.24
N LEU B 257 -15.28 -18.84 18.28
CA LEU B 257 -15.31 -18.28 19.62
C LEU B 257 -13.89 -18.03 20.12
N THR B 258 -12.94 -18.79 19.59
CA THR B 258 -11.58 -18.85 20.12
C THR B 258 -10.46 -18.36 19.21
N GLU B 259 -10.79 -18.06 17.95
CA GLU B 259 -9.76 -17.68 16.97
C GLU B 259 -9.93 -16.26 16.41
N ASP B 260 -8.99 -15.38 16.77
CA ASP B 260 -8.96 -13.98 16.32
C ASP B 260 -8.47 -13.84 14.88
N ARG B 261 -9.21 -13.12 14.05
CA ARG B 261 -8.77 -12.89 12.69
C ARG B 261 -7.47 -12.11 12.64
N MET B 262 -6.58 -12.49 11.74
CA MET B 262 -5.28 -11.84 11.58
C MET B 262 -5.33 -10.76 10.51
N PRO B 263 -4.46 -9.75 10.62
CA PRO B 263 -3.62 -9.44 11.79
C PRO B 263 -4.48 -8.94 12.94
N PRO B 264 -4.02 -9.09 14.18
CA PRO B 264 -4.89 -8.83 15.33
C PRO B 264 -5.47 -7.44 15.31
N GLY B 265 -6.78 -7.33 15.47
CA GLY B 265 -7.40 -6.03 15.54
C GLY B 265 -8.01 -5.62 14.22
N ILE B 266 -7.91 -6.51 13.23
CA ILE B 266 -8.51 -6.25 11.93
C ILE B 266 -10.01 -6.13 12.06
N ASP B 267 -10.58 -5.14 11.37
CA ASP B 267 -12.02 -4.92 11.41
C ASP B 267 -12.82 -6.01 10.68
N PRO B 268 -13.87 -6.55 11.32
CA PRO B 268 -14.66 -7.63 10.71
C PRO B 268 -15.20 -7.30 9.31
N SER B 269 -15.35 -6.01 9.00
CA SER B 269 -15.92 -5.61 7.71
C SER B 269 -14.94 -5.56 6.54
N GLU B 270 -13.65 -5.71 6.82
CA GLU B 270 -12.61 -5.82 5.78
C GLU B 270 -12.91 -7.03 4.91
N ASP B 271 -12.81 -6.86 3.59
CA ASP B 271 -13.00 -7.94 2.62
C ASP B 271 -12.43 -9.32 3.06
N ARG B 272 -13.31 -10.30 3.22
CA ARG B 272 -12.90 -11.65 3.60
C ARG B 272 -12.48 -12.43 2.37
N ASP B 273 -12.72 -11.84 1.20
CA ASP B 273 -12.32 -12.46 -0.06
C ASP B 273 -11.29 -11.64 -0.84
N HIS B 274 -10.33 -11.09 -0.11
CA HIS B 274 -9.21 -10.31 -0.65
C HIS B 274 -8.44 -11.10 -1.74
N PRO B 275 -8.08 -10.44 -2.85
CA PRO B 275 -7.38 -11.13 -3.95
C PRO B 275 -6.14 -11.85 -3.48
N ASN B 276 -5.40 -11.23 -2.55
CA ASN B 276 -4.18 -11.85 -2.06
C ASN B 276 -4.49 -13.11 -1.27
N THR B 277 -5.62 -13.11 -0.57
CA THR B 277 -6.06 -14.33 0.12
C THR B 277 -6.27 -15.42 -0.93
N GLN B 278 -6.96 -15.07 -2.01
CA GLN B 278 -7.30 -16.04 -3.03
C GLN B 278 -6.10 -16.64 -3.76
N ILE B 279 -5.14 -15.77 -4.07
CA ILE B 279 -3.92 -16.13 -4.76
C ILE B 279 -3.09 -17.04 -3.87
N LEU B 280 -3.03 -16.72 -2.57
CA LEU B 280 -2.36 -17.58 -1.59
C LEU B 280 -2.99 -18.97 -1.54
N PHE B 281 -4.33 -19.02 -1.57
CA PHE B 281 -5.03 -20.31 -1.58
C PHE B 281 -4.65 -21.10 -2.83
N ALA B 282 -4.58 -20.40 -3.95
CA ALA B 282 -4.25 -21.03 -5.22
C ALA B 282 -2.86 -21.66 -5.18
N TRP B 283 -1.92 -20.96 -4.57
CA TRP B 283 -0.54 -21.41 -4.51
C TRP B 283 -0.42 -22.70 -3.68
N ILE B 284 -1.27 -22.80 -2.66
CA ILE B 284 -1.38 -23.95 -1.78
C ILE B 284 -2.04 -25.14 -2.48
N LYS B 285 -3.14 -24.89 -3.20
CA LYS B 285 -3.76 -25.93 -4.02
C LYS B 285 -2.82 -26.47 -5.09
N GLN B 286 -1.91 -25.61 -5.54
CA GLN B 286 -0.91 -25.98 -6.54
C GLN B 286 0.28 -26.76 -5.98
N GLY B 287 0.35 -26.90 -4.66
CA GLY B 287 1.37 -27.72 -4.02
C GLY B 287 2.29 -26.97 -3.07
N ALA B 288 2.02 -25.69 -2.87
CA ALA B 288 2.84 -24.88 -2.00
C ALA B 288 4.29 -25.05 -2.38
N LYS B 289 4.58 -24.97 -3.68
CA LYS B 289 5.92 -25.18 -4.21
C LYS B 289 6.91 -24.04 -3.89
N CYS B 290 8.18 -24.40 -3.71
CA CYS B 290 9.18 -23.47 -3.15
C CYS B 290 9.98 -22.67 -4.18
N GLU B 291 9.66 -22.84 -5.45
CA GLU B 291 10.34 -22.14 -6.53
C GLU B 291 9.46 -21.06 -7.21
N ASP C 33 11.34 -13.72 29.97
N ASP C 33 15.85 -14.95 31.65
CA ASP C 33 12.08 -14.17 31.15
CA ASP C 33 15.66 -16.04 30.70
C ASP C 33 12.91 -15.40 30.76
C ASP C 33 14.18 -16.36 30.55
N THR C 34 12.23 -16.29 30.02
N THR C 34 13.83 -16.83 29.35
CA THR C 34 12.64 -17.54 29.32
CA THR C 34 12.64 -17.65 28.99
C THR C 34 11.27 -18.07 28.91
C THR C 34 11.38 -16.95 28.48
N ARG C 35 10.28 -17.24 29.18
CA ARG C 35 8.91 -17.38 28.71
C ARG C 35 8.61 -16.88 27.31
N THR C 36 7.87 -17.71 26.57
CA THR C 36 7.58 -17.45 25.16
C THR C 36 6.56 -16.35 24.92
N LEU C 37 6.53 -15.87 23.68
CA LEU C 37 5.61 -14.82 23.25
C LEU C 37 4.17 -15.20 23.50
N SER C 38 3.81 -16.38 23.02
CA SER C 38 2.47 -16.92 23.22
C SER C 38 2.08 -16.94 24.70
N GLN C 39 3.01 -17.34 25.54
CA GLN C 39 2.75 -17.46 26.96
C GLN C 39 2.52 -16.08 27.55
N GLN C 40 3.35 -15.11 27.15
CA GLN C 40 3.22 -13.73 27.64
C GLN C 40 1.84 -13.22 27.23
N TYR C 41 1.44 -13.60 26.03
CA TYR C 41 0.18 -13.14 25.48
C TYR C 41 -1.03 -13.69 26.24
N LEU C 42 -1.15 -15.02 26.37
CA LEU C 42 -2.30 -15.61 27.05
C LEU C 42 -2.38 -15.06 28.48
N ASP C 43 -1.22 -14.77 29.07
CA ASP C 43 -1.15 -14.16 30.39
C ASP C 43 -1.59 -12.68 30.41
N ASP C 44 -1.27 -11.93 29.36
CA ASP C 44 -1.57 -10.51 29.29
C ASP C 44 -3.05 -10.17 28.97
N VAL C 45 -3.73 -11.00 28.20
CA VAL C 45 -5.16 -10.76 27.96
C VAL C 45 -5.97 -11.10 29.21
N ARG C 46 -5.51 -12.11 29.95
CA ARG C 46 -6.21 -12.55 31.16
C ARG C 46 -6.23 -11.44 32.19
N SER C 47 -5.07 -10.85 32.44
CA SER C 47 -4.90 -9.85 33.48
C SER C 47 -5.49 -8.51 33.05
N GLY C 48 -5.74 -8.36 31.75
CA GLY C 48 -6.30 -7.14 31.22
C GLY C 48 -5.25 -6.08 30.93
N ALA C 49 -4.00 -6.53 30.85
CA ALA C 49 -2.86 -5.64 30.69
C ALA C 49 -2.82 -5.04 29.30
N ILE C 50 -3.67 -5.57 28.41
CA ILE C 50 -3.71 -5.07 27.04
C ILE C 50 -4.75 -4.00 26.82
N VAL C 51 -4.31 -2.84 26.35
CA VAL C 51 -5.21 -1.73 26.16
C VAL C 51 -5.40 -1.43 24.68
N ILE C 52 -6.64 -1.29 24.27
CA ILE C 52 -6.91 -1.12 22.87
C ILE C 52 -7.50 0.24 22.63
N GLU C 53 -6.78 1.04 21.85
CA GLU C 53 -7.23 2.35 21.43
C GLU C 53 -6.84 2.66 19.97
N GLY C 54 -7.78 2.46 19.04
CA GLY C 54 -7.58 2.90 17.66
C GLY C 54 -6.44 2.30 16.86
N ASP C 55 -6.43 0.97 16.71
CA ASP C 55 -5.32 0.24 16.10
C ASP C 55 -4.52 0.95 15.03
N SER C 56 -3.19 1.10 15.10
CA SER C 56 -2.21 1.16 16.24
C SER C 56 -2.01 0.03 17.30
N ALA C 57 -3.09 -0.52 17.83
CA ALA C 57 -3.03 -1.38 19.02
C ALA C 57 -2.17 -2.64 18.88
N ALA C 58 -2.33 -3.37 17.78
CA ALA C 58 -1.52 -4.57 17.51
C ALA C 58 -0.03 -4.26 17.65
N VAL C 59 0.36 -3.11 17.12
CA VAL C 59 1.74 -2.72 17.06
C VAL C 59 2.31 -2.25 18.40
N SER C 60 1.56 -1.42 19.12
CA SER C 60 2.07 -0.84 20.34
C SER C 60 2.18 -1.85 21.47
N GLU C 61 1.16 -2.70 21.59
CA GLU C 61 1.03 -3.59 22.74
C GLU C 61 1.63 -4.97 22.49
N LEU C 62 1.66 -5.41 21.24
CA LEU C 62 2.17 -6.74 20.95
C LEU C 62 3.54 -6.74 20.32
N ILE C 63 3.93 -5.65 19.67
CA ILE C 63 5.18 -5.69 18.94
C ILE C 63 6.25 -4.88 19.67
N LEU C 64 5.93 -3.64 19.98
CA LEU C 64 6.85 -2.77 20.70
C LEU C 64 6.99 -3.13 22.20
N LYS C 65 5.85 -3.25 22.88
CA LYS C 65 5.81 -3.58 24.30
C LYS C 65 6.50 -4.94 24.61
N ARG C 66 6.32 -5.94 23.76
CA ARG C 66 6.91 -7.25 24.01
C ARG C 66 8.31 -7.36 23.45
N ASP C 67 8.82 -6.25 22.93
CA ASP C 67 10.20 -6.19 22.45
C ASP C 67 10.54 -7.28 21.44
N ILE C 68 9.68 -7.43 20.44
CA ILE C 68 9.95 -8.34 19.32
C ILE C 68 11.08 -7.80 18.49
N PRO C 69 12.05 -8.65 18.14
CA PRO C 69 13.21 -8.37 17.27
C PRO C 69 12.85 -8.14 15.81
N ILE C 70 13.32 -7.02 15.27
CA ILE C 70 12.99 -6.61 13.92
C ILE C 70 14.12 -7.00 12.99
N PRO C 71 13.85 -7.79 11.92
CA PRO C 71 14.87 -8.23 10.95
C PRO C 71 15.29 -7.13 9.98
N TYR C 72 16.56 -7.08 9.53
CA TYR C 72 16.94 -6.02 8.59
C TYR C 72 16.15 -6.18 7.29
N SER C 73 15.72 -7.39 6.98
CA SER C 73 15.01 -7.58 5.71
C SER C 73 13.81 -6.65 5.60
N TYR C 74 13.07 -6.47 6.69
CA TYR C 74 11.88 -5.61 6.71
C TYR C 74 12.22 -4.14 6.56
N ILE C 75 13.28 -3.73 7.25
CA ILE C 75 13.73 -2.36 7.19
C ILE C 75 14.10 -1.98 5.77
N ALA C 76 14.79 -2.88 5.09
CA ALA C 76 15.21 -2.64 3.72
C ALA C 76 13.99 -2.34 2.85
N GLN C 77 12.94 -3.10 3.07
CA GLN C 77 11.70 -2.94 2.32
C GLN C 77 11.09 -1.58 2.63
N LEU C 78 11.30 -1.11 3.85
CA LEU C 78 10.80 0.19 4.25
C LEU C 78 11.42 1.31 3.40
N PHE C 79 12.73 1.28 3.21
CA PHE C 79 13.40 2.33 2.45
C PHE C 79 13.28 2.20 0.93
N ALA C 80 12.84 1.04 0.49
CA ALA C 80 12.80 0.78 -0.93
C ALA C 80 11.37 0.90 -1.47
N THR C 81 10.41 1.04 -0.58
CA THR C 81 9.00 1.05 -0.99
C THR C 81 8.41 2.44 -0.89
N PRO C 82 7.75 2.91 -1.96
CA PRO C 82 7.12 4.23 -1.92
C PRO C 82 6.00 4.27 -0.92
N ASN C 83 5.86 5.38 -0.21
CA ASN C 83 4.77 5.62 0.75
C ASN C 83 4.91 4.85 2.07
N ALA C 84 6.12 4.37 2.35
CA ALA C 84 6.40 3.55 3.53
C ALA C 84 6.20 4.26 4.87
N PHE C 85 6.49 5.56 4.92
CA PHE C 85 6.33 6.30 6.16
C PHE C 85 5.26 7.37 6.06
N GLY C 86 4.62 7.46 4.90
CA GLY C 86 3.72 8.54 4.57
C GLY C 86 3.95 8.83 3.11
N SER C 87 3.04 9.58 2.48
CA SER C 87 3.03 9.77 1.02
C SER C 87 4.30 10.32 0.40
N GLY C 88 4.80 9.63 -0.62
CA GLY C 88 5.98 10.08 -1.37
C GLY C 88 6.80 8.95 -1.96
N PRO C 89 7.77 9.28 -2.83
CA PRO C 89 8.66 8.34 -3.55
C PRO C 89 9.50 7.49 -2.61
N ALA C 90 9.98 6.32 -3.04
CA ALA C 90 10.78 5.48 -2.13
C ALA C 90 12.10 6.16 -1.81
N CYS C 91 12.54 6.08 -0.55
CA CYS C 91 13.73 6.80 -0.11
C CYS C 91 14.96 6.45 -0.96
N ILE C 92 15.13 5.17 -1.32
CA ILE C 92 16.37 4.79 -1.98
C ILE C 92 16.54 5.35 -3.38
N ILE C 93 15.48 5.88 -3.97
CA ILE C 93 15.59 6.54 -5.28
C ILE C 93 16.55 7.75 -5.18
N CYS C 94 16.31 8.58 -4.17
CA CYS C 94 17.13 9.78 -3.93
C CYS C 94 18.32 9.53 -3.01
N HIS C 95 18.28 8.46 -2.23
CA HIS C 95 19.34 8.18 -1.28
C HIS C 95 19.86 6.75 -1.46
N GLY C 96 20.33 6.44 -2.66
CA GLY C 96 20.69 5.07 -3.01
C GLY C 96 22.15 4.75 -3.27
N SER C 97 23.03 5.60 -2.79
CA SER C 97 24.44 5.50 -3.12
C SER C 97 25.23 6.43 -2.21
N ASN C 98 26.51 6.15 -1.97
CA ASN C 98 27.34 7.08 -1.20
C ASN C 98 28.12 8.04 -2.11
N ASN C 99 27.77 7.96 -3.39
CA ASN C 99 28.30 8.84 -4.41
C ASN C 99 27.35 10.01 -4.53
N PRO C 100 27.79 11.21 -4.15
CA PRO C 100 26.95 12.43 -3.98
C PRO C 100 26.29 12.95 -5.25
N THR C 101 26.65 12.37 -6.39
CA THR C 101 26.06 12.69 -7.69
C THR C 101 24.97 11.72 -8.12
N HIS C 102 24.80 10.65 -7.34
CA HIS C 102 23.74 9.63 -7.55
C HIS C 102 22.70 9.69 -6.42
N ALA C 103 23.09 10.36 -5.33
CA ALA C 103 22.26 10.40 -4.14
C ALA C 103 22.50 11.66 -3.36
N TYR C 104 21.41 12.26 -2.92
CA TYR C 104 21.50 13.47 -2.11
C TYR C 104 22.30 13.24 -0.84
N ARG C 105 23.23 14.17 -0.58
CA ARG C 105 24.05 14.14 0.63
C ARG C 105 24.94 12.88 0.66
N GLY C 106 25.02 12.17 -0.47
CA GLY C 106 25.79 10.94 -0.57
C GLY C 106 25.35 9.98 0.53
N LEU C 107 24.04 9.98 0.79
CA LEU C 107 23.44 9.15 1.83
C LEU C 107 22.83 7.87 1.26
N ASN C 108 23.35 6.72 1.66
CA ASN C 108 22.86 5.44 1.15
C ASN C 108 21.89 4.68 2.08
N LEU C 109 20.58 4.81 1.87
CA LEU C 109 19.67 4.12 2.77
C LEU C 109 19.34 2.69 2.35
N SER C 110 19.97 2.23 1.28
CA SER C 110 19.55 0.97 0.65
C SER C 110 20.25 -0.29 1.16
N THR C 111 21.27 -0.09 1.97
CA THR C 111 21.97 -1.21 2.54
C THR C 111 22.06 -0.97 4.03
N CYS C 112 22.29 -2.05 4.78
CA CYS C 112 22.39 -1.89 6.22
C CYS C 112 23.55 -0.98 6.58
N ASP C 113 24.69 -1.22 5.94
CA ASP C 113 25.89 -0.45 6.21
C ASP C 113 25.69 1.01 5.82
N GLY C 114 24.97 1.24 4.73
CA GLY C 114 24.71 2.59 4.26
C GLY C 114 23.94 3.37 5.32
N LEU C 115 22.97 2.69 5.94
CA LEU C 115 22.15 3.28 6.98
C LEU C 115 23.03 3.68 8.15
N ARG C 116 23.88 2.77 8.59
CA ARG C 116 24.69 3.04 9.78
C ARG C 116 25.68 4.17 9.59
N ASN C 117 26.26 4.25 8.38
CA ASN C 117 27.22 5.31 8.03
C ASN C 117 26.62 6.71 7.98
N GLY C 118 25.43 6.82 7.37
CA GLY C 118 24.76 8.09 7.23
C GLY C 118 25.25 8.92 6.04
N SER C 119 25.12 10.23 6.16
CA SER C 119 25.50 11.14 5.09
C SER C 119 27.01 11.20 4.90
N THR C 120 27.43 11.05 3.63
CA THR C 120 28.84 10.96 3.24
C THR C 120 29.42 12.26 2.69
N GLU C 121 28.64 12.95 1.87
CA GLU C 121 29.04 14.22 1.29
C GLU C 121 29.31 15.19 2.45
N GLN C 122 30.38 15.98 2.37
CA GLN C 122 30.68 16.90 3.47
C GLN C 122 29.59 17.93 3.66
N PRO C 123 29.19 18.20 4.91
CA PRO C 123 29.67 17.67 6.22
C PRO C 123 29.12 16.29 6.58
N ALA C 124 30.01 15.31 6.72
CA ALA C 124 29.58 13.94 6.95
C ALA C 124 29.08 13.76 8.37
N ARG C 125 28.01 12.99 8.51
CA ARG C 125 27.38 12.80 9.80
C ARG C 125 26.48 11.57 9.75
N ALA C 126 26.47 10.84 10.86
CA ALA C 126 25.59 9.71 11.04
C ALA C 126 24.19 10.23 11.10
N ILE C 127 23.21 9.44 10.68
CA ILE C 127 21.84 9.92 10.77
C ILE C 127 21.13 9.26 11.97
N PHE C 128 21.79 8.29 12.60
CA PHE C 128 21.39 7.77 13.92
C PHE C 128 22.56 7.08 14.60
N THR C 129 22.40 6.76 15.87
CA THR C 129 23.42 6.01 16.61
C THR C 129 22.84 4.67 17.05
N PRO C 130 23.47 3.56 16.62
CA PRO C 130 22.90 2.24 16.96
C PRO C 130 22.78 2.04 18.47
N GLY C 131 21.59 1.64 18.92
CA GLY C 131 21.37 1.37 20.33
C GLY C 131 20.80 2.56 21.09
N GLU C 132 20.81 3.74 20.49
CA GLU C 132 20.24 4.92 21.12
C GLU C 132 18.89 5.31 20.49
N ASP C 133 17.97 5.84 21.29
CA ASP C 133 16.67 6.28 20.81
C ASP C 133 16.79 7.36 19.73
N PRO C 134 16.36 7.03 18.50
CA PRO C 134 16.50 7.92 17.34
C PRO C 134 15.39 8.94 17.17
N LYS C 135 14.40 8.95 18.06
CA LYS C 135 13.26 9.86 17.96
C LYS C 135 13.72 11.30 17.64
N ASN C 136 14.85 11.74 18.22
CA ASN C 136 15.33 13.11 17.96
C ASN C 136 16.68 13.16 17.21
N ALA C 137 17.12 12.01 16.72
CA ALA C 137 18.24 11.94 15.80
C ALA C 137 17.85 12.48 14.42
N ILE C 138 18.81 12.63 13.51
CA ILE C 138 18.52 13.17 12.19
C ILE C 138 17.44 12.35 11.47
N ILE C 139 17.52 11.02 11.54
CA ILE C 139 16.55 10.18 10.86
C ILE C 139 15.16 10.38 11.48
N GLY C 140 15.13 10.65 12.78
CA GLY C 140 13.87 10.83 13.48
C GLY C 140 13.15 12.11 13.10
N ARG C 141 13.88 13.21 13.06
CA ARG C 141 13.33 14.51 12.70
C ARG C 141 12.89 14.55 11.24
N ARG C 142 13.64 13.88 10.38
CA ARG C 142 13.34 13.87 8.95
C ARG C 142 12.07 13.07 8.65
N LEU C 143 11.75 12.10 9.50
CA LEU C 143 10.51 11.37 9.30
C LEU C 143 9.29 12.02 10.01
N ARG C 144 9.52 12.67 11.14
CA ARG C 144 8.43 13.10 12.01
C ARG C 144 8.22 14.60 12.16
N ALA C 145 9.26 15.40 11.94
CA ALA C 145 9.20 16.83 12.24
C ALA C 145 8.88 17.65 11.01
N ASN C 146 7.67 18.21 10.99
CA ASN C 146 7.29 19.13 9.96
C ASN C 146 8.07 20.41 10.05
N ARG C 147 8.56 20.88 8.93
CA ARG C 147 9.23 22.16 8.86
C ARG C 147 8.28 23.26 9.27
N MET C 148 8.83 24.27 9.95
CA MET C 148 8.09 25.47 10.35
C MET C 148 8.53 26.72 9.54
N PRO C 149 7.60 27.64 9.26
CA PRO C 149 6.19 27.60 9.65
C PRO C 149 5.42 26.50 8.93
N LEU C 150 4.53 25.85 9.68
CA LEU C 150 3.79 24.69 9.21
C LEU C 150 3.34 24.81 7.75
N GLY C 151 3.73 23.85 6.93
CA GLY C 151 3.21 23.81 5.59
C GLY C 151 4.07 24.54 4.58
N ILE C 152 5.10 25.24 5.06
CA ILE C 152 5.99 25.96 4.17
C ILE C 152 6.63 24.96 3.17
N ALA C 153 6.71 25.37 1.89
CA ALA C 153 7.17 24.47 0.83
C ALA C 153 8.68 24.30 0.90
N PHE C 154 9.17 23.11 0.55
CA PHE C 154 10.60 22.81 0.71
C PHE C 154 11.53 23.60 -0.23
N ASN C 155 10.98 24.20 -1.29
CA ASN C 155 11.77 25.00 -2.24
C ASN C 155 12.04 26.43 -1.76
N ASN C 156 11.78 26.67 -0.48
CA ASN C 156 12.23 27.88 0.21
C ASN C 156 13.59 27.61 0.85
N PRO C 157 14.56 28.51 0.68
CA PRO C 157 15.91 28.25 1.17
C PRO C 157 15.91 28.04 2.67
N THR C 158 16.86 27.23 3.15
CA THR C 158 16.99 26.92 4.56
C THR C 158 18.20 27.66 5.16
N ASP C 159 18.76 28.60 4.40
CA ASP C 159 19.87 29.43 4.85
C ASP C 159 19.62 30.93 4.61
N SER C 160 18.35 31.33 4.64
CA SER C 160 18.01 32.73 4.43
C SER C 160 18.52 33.61 5.57
N ALA C 161 18.44 34.92 5.36
CA ALA C 161 18.93 35.87 6.35
C ALA C 161 18.37 35.65 7.76
N PRO C 162 17.01 35.57 7.92
CA PRO C 162 16.45 35.43 9.26
C PRO C 162 16.96 34.21 9.99
N ILE C 163 17.10 33.10 9.26
CA ILE C 163 17.59 31.87 9.85
C ILE C 163 19.02 32.03 10.36
N LEU C 164 19.87 32.65 9.55
CA LEU C 164 21.25 32.86 9.94
C LEU C 164 21.33 33.76 11.15
N ALA C 165 20.49 34.79 11.18
CA ALA C 165 20.39 35.65 12.36
C ALA C 165 20.12 34.82 13.60
N ILE C 166 19.09 33.98 13.52
CA ILE C 166 18.70 33.09 14.60
C ILE C 166 19.80 32.11 14.93
N LYS C 167 20.53 31.67 13.91
CA LYS C 167 21.63 30.75 14.13
C LYS C 167 22.67 31.42 15.04
N GLU C 168 23.04 32.64 14.67
CA GLU C 168 24.10 33.35 15.38
C GLU C 168 23.66 33.76 16.77
N TRP C 169 22.38 34.10 16.93
CA TRP C 169 21.85 34.42 18.23
C TRP C 169 21.94 33.22 19.20
N ILE C 170 21.75 32.01 18.68
CA ILE C 170 21.86 30.81 19.51
C ILE C 170 23.34 30.51 19.82
N LEU C 171 24.22 30.75 18.86
CA LEU C 171 25.67 30.63 19.09
C LEU C 171 26.19 31.50 20.24
N ALA C 172 25.64 32.70 20.34
CA ALA C 172 26.09 33.70 21.29
C ALA C 172 25.67 33.40 22.73
N GLY C 173 24.87 32.37 22.93
CA GLY C 173 24.41 31.99 24.26
C GLY C 173 22.98 32.41 24.52
N ALA C 174 22.33 32.88 23.46
CA ALA C 174 20.94 33.35 23.46
C ALA C 174 20.67 34.44 24.50
N PRO C 175 21.38 35.59 24.40
CA PRO C 175 21.20 36.66 25.37
C PRO C 175 19.86 37.34 25.20
N ASN C 176 19.30 37.84 26.31
CA ASN C 176 18.11 38.69 26.25
C ASN C 176 18.52 40.13 26.16
N ASP C 177 19.35 40.46 25.18
CA ASP C 177 19.88 41.82 25.11
C ASP C 177 19.05 42.73 24.21
N GLU C 178 19.65 43.86 23.89
CA GLU C 178 19.01 44.89 23.10
C GLU C 178 18.82 44.35 21.67
N HIS C 179 19.88 43.74 21.17
CA HIS C 179 19.94 43.19 19.83
C HIS C 179 18.80 42.24 19.52
N PHE C 180 18.60 41.26 20.41
CA PHE C 180 17.56 40.25 20.28
C PHE C 180 16.19 40.89 20.12
N THR C 181 15.86 41.78 21.05
CA THR C 181 14.53 42.35 21.06
C THR C 181 14.25 43.08 19.74
N LYS C 182 15.28 43.67 19.16
CA LYS C 182 15.11 44.51 18.00
C LYS C 182 15.14 43.70 16.71
N GLU C 183 16.08 42.76 16.64
CA GLU C 183 16.37 42.07 15.38
C GLU C 183 15.91 40.60 15.31
N ILE C 184 15.63 39.99 16.46
CA ILE C 184 15.34 38.56 16.47
C ILE C 184 13.89 38.30 16.87
N LEU C 185 13.47 38.87 17.98
CA LEU C 185 12.14 38.62 18.49
C LEU C 185 11.04 38.83 17.43
N PRO C 186 11.15 39.88 16.58
CA PRO C 186 10.06 40.06 15.61
C PRO C 186 10.05 39.00 14.52
N LEU C 187 11.14 38.26 14.37
CA LEU C 187 11.18 37.23 13.34
C LEU C 187 10.11 36.16 13.56
N PHE C 188 9.64 36.01 14.81
CA PHE C 188 8.62 35.00 15.14
C PHE C 188 7.20 35.52 15.05
N ALA C 189 7.06 36.83 14.87
CA ALA C 189 5.76 37.46 14.86
C ALA C 189 5.45 38.19 13.54
N THR C 190 6.33 38.05 12.55
CA THR C 190 6.19 38.78 11.28
C THR C 190 5.83 37.84 10.12
N ASP C 191 4.75 38.16 9.39
CA ASP C 191 4.36 37.34 8.22
C ASP C 191 5.49 37.34 7.15
N ASN C 192 5.54 36.28 6.34
CA ASN C 192 6.45 36.21 5.20
C ASN C 192 7.93 36.43 5.51
N THR C 193 8.37 35.97 6.68
CA THR C 193 9.77 36.08 7.10
C THR C 193 10.68 35.01 6.48
N PHE C 194 10.19 33.76 6.46
CA PHE C 194 11.00 32.62 6.06
C PHE C 194 10.62 32.14 4.68
N GLY C 195 9.53 32.71 4.17
CA GLY C 195 9.10 32.49 2.79
C GLY C 195 7.79 33.21 2.51
N PRO C 196 7.46 33.39 1.22
CA PRO C 196 6.25 34.02 0.66
C PRO C 196 4.94 33.36 1.10
N ASP C 197 3.94 34.18 1.46
CA ASP C 197 2.62 33.68 1.87
C ASP C 197 2.71 32.62 2.95
N THR C 198 3.45 32.96 4.01
CA THR C 198 3.56 32.14 5.22
C THR C 198 3.17 33.00 6.40
N PRO C 199 2.38 32.45 7.32
CA PRO C 199 1.87 33.10 8.55
C PRO C 199 2.94 33.22 9.64
N HIS C 200 2.83 34.24 10.48
CA HIS C 200 3.77 34.40 11.58
C HIS C 200 3.69 33.24 12.59
N CYS C 201 4.84 32.84 13.15
CA CYS C 201 4.87 31.74 14.12
C CYS C 201 3.91 32.04 15.23
N THR C 202 3.88 33.30 15.60
CA THR C 202 3.05 33.82 16.64
C THR C 202 1.56 33.50 16.38
N THR C 203 1.20 33.18 15.14
CA THR C 203 -0.18 32.78 14.82
C THR C 203 -0.63 31.57 15.61
N CYS C 204 0.27 30.60 15.76
CA CYS C 204 -0.02 29.30 16.36
C CYS C 204 0.70 29.05 17.69
N HIS C 205 1.73 29.82 17.99
CA HIS C 205 2.49 29.62 19.22
C HIS C 205 2.51 30.91 20.03
N PHE C 206 1.47 31.17 20.86
CA PHE C 206 1.33 32.48 21.54
C PHE C 206 0.95 32.47 23.04
N SER C 207 0.78 31.29 23.62
CA SER C 207 0.53 31.17 25.04
C SER C 207 0.98 29.79 25.47
N ASN C 208 0.73 29.44 26.73
CA ASN C 208 1.15 28.14 27.25
C ASN C 208 -0.06 27.24 27.52
N GLN C 209 -1.20 27.65 26.96
CA GLN C 209 -2.44 26.90 27.12
C GLN C 209 -2.75 26.12 25.85
N GLU C 210 -2.68 24.78 25.90
CA GLU C 210 -3.02 24.05 24.68
C GLU C 210 -4.51 23.83 24.69
N PRO C 211 -5.11 23.86 23.49
CA PRO C 211 -6.10 24.84 23.04
C PRO C 211 -5.94 26.21 23.74
N PRO C 212 -5.61 27.29 22.99
CA PRO C 212 -5.48 27.33 21.53
C PRO C 212 -4.05 27.28 21.02
N SER C 213 -3.08 27.32 21.92
CA SER C 213 -1.68 27.43 21.53
C SER C 213 -0.98 26.08 21.42
N PHE C 214 -0.50 25.77 20.21
CA PHE C 214 0.04 24.44 19.89
C PHE C 214 1.30 24.10 20.66
N HIS C 215 1.29 22.89 21.23
CA HIS C 215 2.33 22.39 22.12
C HIS C 215 2.65 23.35 23.30
N GLU C 216 1.69 24.19 23.69
CA GLU C 216 1.86 25.05 24.87
C GLU C 216 3.15 25.89 24.79
N LEU C 217 3.45 26.34 23.57
CA LEU C 217 4.68 27.09 23.25
C LEU C 217 4.41 28.55 22.93
N ASN C 218 5.19 29.44 23.54
CA ASN C 218 4.97 30.86 23.32
C ASN C 218 6.20 31.60 22.78
N LEU C 219 6.10 32.09 21.54
CA LEU C 219 7.24 32.70 20.88
C LEU C 219 7.13 34.22 20.85
N THR C 220 6.24 34.78 21.67
CA THR C 220 6.03 36.22 21.63
C THR C 220 7.06 36.97 22.45
N THR C 221 7.61 36.30 23.48
CA THR C 221 8.60 36.92 24.37
C THR C 221 9.85 36.05 24.60
N TYR C 222 10.94 36.66 25.05
CA TYR C 222 12.14 35.92 25.39
C TYR C 222 11.85 34.82 26.40
N GLU C 223 11.11 35.16 27.44
CA GLU C 223 10.79 34.21 28.51
C GLU C 223 10.08 32.98 27.96
N GLY C 224 9.13 33.19 27.04
CA GLY C 224 8.39 32.09 26.44
C GLY C 224 9.20 31.15 25.57
N ILE C 225 10.15 31.72 24.84
CA ILE C 225 11.03 30.97 23.93
C ILE C 225 12.01 30.06 24.68
N MET C 226 12.61 30.60 25.73
CA MET C 226 13.55 29.82 26.53
C MET C 226 12.81 28.81 27.42
N LEU C 227 11.56 29.15 27.78
CA LEU C 227 10.75 28.23 28.54
C LEU C 227 10.46 27.00 27.71
N GLY C 228 9.96 27.20 26.50
CA GLY C 228 9.74 26.08 25.59
C GLY C 228 8.34 25.51 25.60
N ALA C 229 8.23 24.25 25.17
CA ALA C 229 6.93 23.60 25.02
C ALA C 229 6.51 22.63 26.12
N ASP C 230 5.20 22.34 26.15
CA ASP C 230 4.59 21.26 26.93
C ASP C 230 4.80 21.39 28.44
N SER C 231 4.92 22.61 28.91
CA SER C 231 5.23 22.87 30.31
C SER C 231 4.04 22.83 31.27
N VAL C 232 2.84 22.67 30.75
CA VAL C 232 1.65 22.85 31.58
C VAL C 232 0.72 21.66 31.80
N ALA C 233 0.17 21.10 30.73
CA ALA C 233 -0.82 20.04 30.90
C ALA C 233 -0.10 18.79 31.36
N LYS C 234 1.22 18.78 31.21
CA LYS C 234 2.01 17.68 31.73
C LYS C 234 3.20 18.16 32.58
N GLY C 235 3.16 19.42 32.99
CA GLY C 235 4.06 19.89 34.02
C GLY C 235 5.42 20.30 33.54
N VAL C 236 6.21 20.89 34.43
CA VAL C 236 7.54 21.41 34.12
C VAL C 236 8.54 20.26 34.01
N ASP C 237 8.06 19.04 34.26
CA ASP C 237 8.94 17.90 34.19
C ASP C 237 8.79 17.12 32.88
N ASN C 238 7.82 17.53 32.06
CA ASN C 238 7.78 17.12 30.65
C ASN C 238 8.08 18.28 29.74
N ALA C 239 8.75 19.30 30.26
CA ALA C 239 9.12 20.44 29.45
C ALA C 239 10.11 20.01 28.36
N THR C 240 9.98 20.67 27.22
CA THR C 240 10.85 20.41 26.10
C THR C 240 11.51 21.71 25.74
N LYS C 241 12.78 21.86 26.10
CA LYS C 241 13.50 23.08 25.76
C LYS C 241 13.65 23.12 24.24
N VAL C 242 13.45 24.29 23.69
CA VAL C 242 13.30 24.41 22.25
C VAL C 242 14.41 25.28 21.66
N ILE C 243 15.13 25.97 22.55
CA ILE C 243 16.38 26.65 22.25
C ILE C 243 17.45 26.16 23.22
N ILE C 244 18.57 25.69 22.68
CA ILE C 244 19.67 25.25 23.51
C ILE C 244 20.87 26.17 23.28
N PRO C 245 21.11 27.11 24.22
CA PRO C 245 22.13 28.15 24.02
C PRO C 245 23.51 27.57 23.76
N GLY C 246 24.15 28.08 22.70
CA GLY C 246 25.45 27.62 22.27
C GLY C 246 25.40 26.52 21.22
N ASP C 247 24.22 26.03 20.88
CA ASP C 247 24.09 24.92 19.92
C ASP C 247 22.82 24.99 19.06
N PRO C 248 22.92 25.67 17.92
CA PRO C 248 21.78 25.79 16.99
C PRO C 248 21.37 24.43 16.42
N GLU C 249 22.35 23.56 16.17
CA GLU C 249 22.07 22.24 15.61
C GLU C 249 21.18 21.39 16.53
N ALA C 250 21.19 21.69 17.83
CA ALA C 250 20.41 20.91 18.79
C ALA C 250 19.12 21.56 19.25
N SER C 251 18.95 22.82 18.83
CA SER C 251 17.78 23.61 19.20
C SER C 251 16.62 23.30 18.28
N LYS C 252 15.52 22.85 18.88
CA LYS C 252 14.38 22.41 18.11
C LYS C 252 13.87 23.55 17.22
N VAL C 253 14.08 24.81 17.61
CA VAL C 253 13.65 25.92 16.75
C VAL C 253 14.43 25.96 15.45
N PHE C 254 15.74 25.91 15.59
CA PHE C 254 16.60 26.00 14.44
C PHE C 254 16.33 24.81 13.55
N GLN C 255 16.15 23.65 14.17
CA GLN C 255 15.86 22.42 13.44
C GLN C 255 14.65 22.53 12.54
N HIS C 256 13.53 23.00 13.11
CA HIS C 256 12.28 23.04 12.36
C HIS C 256 12.37 24.06 11.24
N LEU C 257 13.30 25.00 11.38
CA LEU C 257 13.42 26.01 10.37
C LEU C 257 14.23 25.50 9.19
N THR C 258 15.11 24.53 9.43
CA THR C 258 16.09 24.14 8.40
C THR C 258 15.94 22.75 7.82
N GLU C 259 15.04 21.94 8.38
CA GLU C 259 14.94 20.54 7.98
C GLU C 259 13.57 20.19 7.37
N ASP C 260 13.54 19.92 6.08
CA ASP C 260 12.31 19.57 5.39
C ASP C 260 11.94 18.13 5.71
N ARG C 261 10.70 17.88 6.09
CA ARG C 261 10.24 16.53 6.33
C ARG C 261 10.31 15.70 5.04
N MET C 262 10.72 14.43 5.18
CA MET C 262 10.87 13.48 4.06
C MET C 262 9.64 12.57 3.89
N PRO C 263 9.37 12.11 2.66
CA PRO C 263 10.00 12.60 1.43
C PRO C 263 9.51 14.02 1.11
N PRO C 264 10.30 14.80 0.34
CA PRO C 264 10.02 16.23 0.16
C PRO C 264 8.62 16.52 -0.35
N GLY C 265 7.92 17.43 0.31
CA GLY C 265 6.61 17.83 -0.14
C GLY C 265 5.50 17.07 0.57
N ILE C 266 5.89 16.18 1.48
CA ILE C 266 4.92 15.43 2.24
C ILE C 266 4.06 16.41 3.05
N ASP C 267 2.76 16.20 3.01
CA ASP C 267 1.79 17.07 3.66
C ASP C 267 1.99 16.93 5.17
N PRO C 268 2.03 18.07 5.88
CA PRO C 268 2.26 18.14 7.34
C PRO C 268 1.31 17.27 8.16
N SER C 269 0.13 17.04 7.60
CA SER C 269 -0.92 16.33 8.29
C SER C 269 -0.83 14.80 8.24
N GLU C 270 0.16 14.29 7.50
CA GLU C 270 0.43 12.86 7.47
C GLU C 270 0.87 12.41 8.85
N ASP C 271 0.33 11.27 9.27
CA ASP C 271 0.67 10.63 10.54
C ASP C 271 2.15 10.75 10.87
N ARG C 272 2.46 11.43 11.95
CA ARG C 272 3.86 11.61 12.39
C ARG C 272 4.30 10.42 13.23
N ASP C 273 3.35 9.55 13.53
CA ASP C 273 3.64 8.34 14.29
C ASP C 273 3.28 7.09 13.51
N HIS C 274 3.60 7.10 12.21
CA HIS C 274 3.38 5.95 11.35
C HIS C 274 4.00 4.68 11.95
N PRO C 275 3.27 3.55 11.84
CA PRO C 275 3.77 2.30 12.41
C PRO C 275 5.16 1.92 11.89
N ASN C 276 5.41 2.15 10.61
CA ASN C 276 6.71 1.74 10.10
C ASN C 276 7.79 2.59 10.72
N THR C 277 7.49 3.85 11.00
CA THR C 277 8.44 4.67 11.71
C THR C 277 8.72 4.05 13.05
N GLN C 278 7.65 3.66 13.75
CA GLN C 278 7.82 3.10 15.09
C GLN C 278 8.64 1.83 15.03
N ILE C 279 8.44 1.03 13.99
CA ILE C 279 9.22 -0.18 13.79
C ILE C 279 10.68 0.17 13.44
N LEU C 280 10.89 1.14 12.57
CA LEU C 280 12.25 1.59 12.22
C LEU C 280 12.98 2.04 13.47
N PHE C 281 12.28 2.78 14.33
CA PHE C 281 12.85 3.20 15.58
C PHE C 281 13.23 2.01 16.44
N ALA C 282 12.36 1.01 16.48
CA ALA C 282 12.62 -0.15 17.32
C ALA C 282 13.88 -0.87 16.88
N TRP C 283 14.05 -1.02 15.57
CA TRP C 283 15.17 -1.76 15.03
C TRP C 283 16.49 -1.08 15.36
N ILE C 284 16.44 0.24 15.41
CA ILE C 284 17.62 1.03 15.76
C ILE C 284 17.98 0.90 17.26
N LYS C 285 16.98 0.99 18.15
CA LYS C 285 17.20 0.81 19.59
C LYS C 285 17.76 -0.59 19.93
N GLN C 286 17.41 -1.58 19.12
CA GLN C 286 17.88 -2.95 19.30
C GLN C 286 19.31 -3.15 18.80
N GLY C 287 19.84 -2.12 18.14
CA GLY C 287 21.23 -2.12 17.72
C GLY C 287 21.49 -2.05 16.24
N ALA C 288 20.42 -1.93 15.46
CA ALA C 288 20.52 -1.90 13.99
C ALA C 288 21.33 -3.05 13.43
N LYS C 289 21.04 -4.26 13.92
CA LYS C 289 21.76 -5.46 13.52
C LYS C 289 21.40 -5.78 12.06
N CYS C 290 22.36 -6.34 11.32
CA CYS C 290 22.25 -6.44 9.87
C CYS C 290 21.65 -7.73 9.31
N GLU C 291 21.20 -8.62 10.19
CA GLU C 291 20.56 -9.89 9.80
C GLU C 291 19.02 -9.94 10.07
FE HEC D . -1.13 -7.26 -19.26
CHA HEC D . -1.66 -7.31 -22.65
CHB HEC D . 1.48 -5.12 -19.69
CHC HEC D . -0.97 -6.65 -15.80
CHD HEC D . -3.37 -9.62 -18.73
NA HEC D . -0.31 -6.34 -20.86
C1A HEC D . -0.58 -6.60 -22.19
C2A HEC D . 0.45 -6.01 -23.00
C3A HEC D . 1.31 -5.41 -22.18
C4A HEC D . 0.85 -5.60 -20.82
CMA HEC D . 2.58 -4.62 -22.58
CAA HEC D . 0.50 -6.06 -24.56
CBA HEC D . 1.50 -7.10 -25.04
CGA HEC D . 1.62 -7.02 -26.54
O1A HEC D . 1.02 -6.08 -27.16
O2A HEC D . 2.32 -7.88 -27.13
NB HEC D . 0.04 -6.12 -17.99
C1B HEC D . 1.04 -5.26 -18.39
C2B HEC D . 1.54 -4.54 -17.21
C3B HEC D . 0.87 -5.00 -16.16
C4B HEC D . -0.09 -5.97 -16.62
CMB HEC D . 2.66 -3.49 -17.20
CAB HEC D . 0.99 -4.56 -14.70
CBB HEC D . 0.88 -3.26 -14.41
NC HEC D . -2.03 -7.93 -17.56
C1C HEC D . -1.75 -7.68 -16.24
C2C HEC D . -2.42 -8.66 -15.41
C3C HEC D . -3.08 -9.49 -16.25
C4C HEC D . -2.85 -9.03 -17.60
CMC HEC D . -2.35 -8.70 -13.85
CAC HEC D . -3.96 -10.72 -15.91
CBC HEC D . -4.67 -10.83 -14.79
ND HEC D . -2.29 -8.30 -20.51
C1D HEC D . -3.23 -9.20 -20.03
C2D HEC D . -4.05 -9.65 -21.12
C3D HEC D . -3.53 -8.94 -22.36
C4D HEC D . -2.43 -8.13 -21.88
CMD HEC D . -5.23 -10.64 -21.09
CAD HEC D . -4.09 -9.11 -23.78
CBD HEC D . -3.59 -10.42 -24.35
CGD HEC D . -3.84 -10.50 -25.84
O1D HEC D . -3.51 -11.56 -26.45
O2D HEC D . -4.34 -9.50 -26.41
FE HEC E . -11.73 9.49 -26.15
CHA HEC E . -8.41 10.43 -25.16
CHB HEC E . -10.50 8.54 -29.10
CHC HEC E . -14.74 8.02 -26.82
CHD HEC E . -12.91 10.56 -23.16
NA HEC E . -9.77 9.45 -26.94
C1A HEC E . -8.59 9.98 -26.45
C2A HEC E . -7.58 9.96 -27.51
C3A HEC E . -8.19 9.43 -28.58
C4A HEC E . -9.57 9.10 -28.25
CMA HEC E . -7.56 9.19 -29.96
CAA HEC E . -6.09 10.45 -27.42
CBA HEC E . -5.94 11.98 -27.34
CGA HEC E . -4.50 12.48 -27.39
O1A HEC E . -3.56 11.67 -27.62
O2A HEC E . -4.28 13.70 -27.18
NB HEC E . -12.50 8.53 -27.69
C1B HEC E . -11.79 8.14 -28.80
C2B HEC E . -12.63 7.22 -29.57
C3B HEC E . -13.81 7.11 -28.93
C4B HEC E . -13.73 7.91 -27.74
CMB HEC E . -12.22 6.56 -30.90
CAB HEC E . -15.09 6.27 -29.26
CBB HEC E . -15.05 5.11 -29.94
NC HEC E . -13.49 9.27 -25.16
C1C HEC E . -14.64 8.72 -25.65
C2C HEC E . -15.72 8.97 -24.73
C3C HEC E . -15.23 9.69 -23.71
C4C HEC E . -13.80 9.88 -23.97
CMC HEC E . -17.18 8.49 -24.99
CAC HEC E . -15.98 10.23 -22.47
CBC HEC E . -17.26 9.98 -22.16
ND HEC E . -10.79 10.36 -24.45
C1D HEC E . -11.55 10.70 -23.33
C2D HEC E . -10.65 11.24 -22.33
C3D HEC E . -9.25 11.20 -22.93
C4D HEC E . -9.44 10.64 -24.26
CMD HEC E . -11.04 11.74 -20.92
CAD HEC E . -7.93 11.65 -22.29
CBD HEC E . -7.07 10.42 -21.97
CGD HEC E . -7.75 9.54 -20.97
O1D HEC E . -8.35 10.07 -19.99
O2D HEC E . -7.68 8.28 -21.14
P PO4 F . -1.47 12.90 -23.14
O1 PO4 F . -0.87 11.57 -23.52
O2 PO4 F . -1.17 13.88 -24.26
O3 PO4 F . -2.97 12.78 -22.95
O4 PO4 F . -0.92 13.42 -21.83
P PO4 G . 8.54 -21.64 -17.05
O1 PO4 G . 8.95 -22.68 -18.06
O2 PO4 G . 8.82 -22.10 -15.63
O3 PO4 G . 7.06 -21.34 -17.17
O4 PO4 G . 9.35 -20.40 -17.33
FE HEC H . -0.88 -14.05 13.71
CHA HEC H . -2.11 -16.55 15.73
CHB HEC H . -1.26 -16.00 10.99
CHC HEC H . -0.33 -11.34 11.75
CHD HEC H . -0.05 -12.15 16.48
NA HEC H . -1.58 -15.91 13.42
C1A HEC H . -1.96 -16.83 14.38
C2A HEC H . -2.20 -18.11 13.72
C3A HEC H . -1.96 -17.93 12.43
C4A HEC H . -1.58 -16.56 12.21
CMA HEC H . -2.07 -19.00 11.31
CAA HEC H . -2.65 -19.44 14.36
CBA HEC H . -1.53 -20.19 15.06
CGA HEC H . -1.89 -21.64 15.33
O1A HEC H . -3.05 -22.04 15.10
O2A HEC H . -0.99 -22.41 15.78
NB HEC H . -0.77 -13.74 11.74
C1B HEC H . -1.05 -14.67 10.77
C2B HEC H . -1.09 -14.02 9.49
C3B HEC H . -0.81 -12.72 9.67
C4B HEC H . -0.63 -12.52 11.11
CMB HEC H . -1.37 -14.74 8.17
CAB HEC H . -0.76 -11.61 8.59
CBB HEC H . -1.87 -11.35 7.88
NC HEC H . -0.35 -12.08 14.08
C1C HEC H . -0.03 -11.18 13.09
C2C HEC H . 0.64 -10.04 13.70
C3C HEC H . 0.73 -10.27 15.01
C4C HEC H . 0.09 -11.55 15.27
CMC HEC H . 1.16 -8.83 12.89
CAC HEC H . 1.35 -9.38 16.12
CBC HEC H . 1.30 -8.05 16.10
ND HEC H . -1.02 -14.32 15.78
C1D HEC H . -0.70 -13.35 16.72
C2D HEC H . -1.12 -13.80 18.03
C3D HEC H . -1.76 -15.17 17.81
C4D HEC H . -1.66 -15.41 16.38
CMD HEC H . -0.96 -13.09 19.37
CAD HEC H . -2.36 -16.07 18.93
CBD HEC H . -1.21 -16.75 19.68
CGD HEC H . -1.66 -17.81 20.66
O1D HEC H . -0.77 -18.41 21.32
O2D HEC H . -2.89 -18.08 20.82
FE HEC I . -21.72 -15.12 13.91
CHA HEC I . -20.71 -16.37 10.77
CHB HEC I . -21.24 -18.28 15.19
CHC HEC I . -22.44 -13.98 16.98
CHD HEC I . -22.56 -12.22 12.53
NA HEC I . -21.12 -16.97 13.10
C1A HEC I . -20.69 -17.25 11.81
C2A HEC I . -20.20 -18.63 11.76
C3A HEC I . -20.35 -19.13 12.99
C4A HEC I . -20.92 -18.11 13.86
CMA HEC I . -19.99 -20.55 13.43
CAA HEC I . -19.62 -19.37 10.52
CBA HEC I . -20.76 -19.85 9.61
CGA HEC I . -20.29 -20.68 8.42
O1A HEC I . -19.09 -21.02 8.29
O2A HEC I . -21.16 -21.01 7.57
NB HEC I . -21.86 -15.98 15.71
C1B HEC I . -21.56 -17.27 16.08
C2B HEC I . -21.61 -17.38 17.53
C3B HEC I . -21.97 -16.17 18.00
C4B HEC I . -22.10 -15.29 16.87
CMB HEC I . -21.35 -18.66 18.37
CAB HEC I . -22.14 -15.65 19.43
CBB HEC I . -21.20 -15.90 20.36
NC HEC I . -22.31 -13.42 14.61
C1C HEC I . -22.68 -13.17 15.91
C2C HEC I . -23.33 -11.88 15.95
C3C HEC I . -23.39 -11.39 14.73
C4C HEC I . -22.74 -12.35 13.87
CMC HEC I . -23.91 -11.24 17.24
CAC HEC I . -24.01 -10.05 14.25
CBC HEC I . -23.99 -8.92 14.98
ND HEC I . -21.69 -14.46 11.96
C1D HEC I . -21.99 -13.13 11.69
C2D HEC I . -21.62 -12.80 10.33
C3D HEC I . -21.02 -14.09 9.75
C4D HEC I . -21.12 -15.05 10.84
CMD HEC I . -21.79 -11.45 9.65
CAD HEC I . -20.46 -14.26 8.33
CBD HEC I . -18.94 -14.20 8.35
CGD HEC I . -18.43 -12.81 8.61
O1D HEC I . -18.93 -11.82 8.03
O2D HEC I . -17.46 -12.71 9.40
P PO4 J . -18.03 -18.10 3.47
O1 PO4 J . -18.74 -19.30 2.89
O2 PO4 J . -18.22 -16.87 2.61
O3 PO4 J . -16.58 -18.48 3.60
O4 PO4 J . -18.54 -17.81 4.88
P PO4 K . 15.74 -16.31 14.52
O1 PO4 K . 15.00 -17.44 13.82
O2 PO4 K . 16.39 -16.86 15.77
O3 PO4 K . 14.83 -15.16 14.89
O4 PO4 K . 16.75 -15.75 13.54
CU CU L . -3.54 -30.26 -27.11
FE HEC M . 15.76 12.66 1.77
CHA HEC M . 17.69 15.13 3.16
CHB HEC M . 16.10 10.80 4.61
CHC HEC M . 13.27 10.60 0.74
CHD HEC M . 15.76 14.24 -1.20
NA HEC M . 16.68 12.93 3.56
C1A HEC M . 17.52 13.98 3.90
C2A HEC M . 18.16 13.67 5.18
C3A HEC M . 17.69 12.48 5.56
C4A HEC M . 16.77 11.99 4.56
CMA HEC M . 18.04 11.70 6.83
CAA HEC M . 19.14 14.60 5.94
CBA HEC M . 20.54 13.99 6.12
CGA HEC M . 21.54 15.05 6.49
O1A HEC M . 21.15 16.24 6.67
O2A HEC M . 22.73 14.70 6.58
NB HEC M . 14.88 10.98 2.52
C1B HEC M . 15.10 10.42 3.76
C2B HEC M . 14.11 9.38 3.99
C3B HEC M . 13.34 9.31 2.89
C4B HEC M . 13.80 10.33 1.98
CMB HEC M . 13.99 8.48 5.23
CAB HEC M . 12.11 8.39 2.64
CBB HEC M . 11.11 8.33 3.52
NC HEC M . 14.68 12.49 0.10
C1C HEC M . 13.78 11.50 -0.17
C2C HEC M . 13.45 11.54 -1.56
C3C HEC M . 14.16 12.52 -2.12
C4C HEC M . 14.92 13.15 -1.07
CMC HEC M . 12.48 10.55 -2.24
CAC HEC M . 14.15 12.96 -3.61
CBC HEC M . 13.11 12.80 -4.44
ND HEC M . 16.61 14.43 1.09
C1D HEC M . 16.41 14.91 -0.19
C2D HEC M . 17.00 16.24 -0.30
C3D HEC M . 17.62 16.54 1.08
C4D HEC M . 17.32 15.34 1.86
CMD HEC M . 17.03 17.19 -1.52
CAD HEC M . 18.38 17.81 1.50
CBD HEC M . 19.67 17.92 0.67
CGD HEC M . 20.66 18.92 1.22
O1D HEC M . 21.70 19.14 0.55
O2D HEC M . 20.43 19.48 2.34
FE HEC N . 5.20 25.40 14.92
CHA HEC N . 5.61 22.34 16.51
CHB HEC N . 8.29 26.36 16.00
CHC HEC N . 5.10 28.11 12.88
CHD HEC N . 1.99 24.65 14.16
NA HEC N . 6.66 24.51 16.02
C1A HEC N . 6.64 23.26 16.61
C2A HEC N . 7.89 23.05 17.34
C3A HEC N . 8.60 24.17 17.18
C4A HEC N . 7.86 25.11 16.36
CMA HEC N . 10.00 24.44 17.75
CAA HEC N . 8.32 21.81 18.15
CBA HEC N . 7.47 21.72 19.43
CGA HEC N . 7.82 20.55 20.32
O1A HEC N . 8.90 19.95 20.16
O2A HEC N . 7.01 20.20 21.23
NB HEC N . 6.46 26.97 14.55
C1B HEC N . 7.72 27.18 15.05
C2B HEC N . 8.33 28.33 14.39
C3B HEC N . 7.42 28.82 13.54
C4B HEC N . 6.24 27.96 13.61
CMB HEC N . 9.73 28.92 14.66
CAB HEC N . 7.62 30.03 12.59
CBB HEC N . 8.65 30.07 11.73
NC HEC N . 3.84 26.17 13.68
C1C HEC N . 3.93 27.41 13.06
C2C HEC N . 2.60 27.83 12.62
C3C HEC N . 1.73 26.87 13.01
C4C HEC N . 2.50 25.82 13.66
CMC HEC N . 2.27 29.16 11.92
CAC HEC N . 0.20 26.86 12.78
CBC HEC N . -0.29 27.15 11.58
ND HEC N . 4.00 23.76 15.29
C1D HEC N . 2.69 23.68 14.83
C2D HEC N . 2.14 22.38 15.16
C3D HEC N . 3.28 21.66 15.91
C4D HEC N . 4.38 22.59 15.94
CMD HEC N . 0.74 21.83 14.84
CAD HEC N . 3.24 20.23 16.48
CBD HEC N . 3.98 19.31 15.51
CGD HEC N . 3.27 19.04 14.19
O1D HEC N . 2.01 18.87 14.13
O2D HEC N . 4.01 18.95 13.19
P PO4 O . 27.23 3.56 -7.25
O1 PO4 O . 27.25 2.04 -7.42
O2 PO4 O . 28.37 4.20 -8.03
O3 PO4 O . 25.89 4.10 -7.70
O4 PO4 O . 27.42 3.88 -5.79
P PO4 P . 6.29 15.00 19.60
O1 PO4 P . 7.05 15.18 18.31
O2 PO4 P . 7.08 14.06 20.49
O3 PO4 P . 4.90 14.49 19.34
O4 PO4 P . 6.20 16.35 20.26
CU CU Q . 14.54 -15.46 33.10
#